data_7W3U
#
_entry.id   7W3U
#
_cell.length_a   192.020
_cell.length_b   71.330
_cell.length_c   111.690
_cell.angle_alpha   90.000
_cell.angle_beta   90.000
_cell.angle_gamma   90.000
#
_symmetry.space_group_name_H-M   'P 21 21 2'
#
loop_
_entity.id
_entity.type
_entity.pdbx_description
1 polymer 'Ubiquitin carboxyl-terminal hydrolase 34'
2 polymer Polyubiquitin-B
3 non-polymer 'ZINC ION'
4 non-polymer prop-2-en-1-amine
#
loop_
_entity_poly.entity_id
_entity_poly.type
_entity_poly.pdbx_seq_one_letter_code
_entity_poly.pdbx_strand_id
1 'polypeptide(L)'
;AECRFVGLTNLGATCYLASTIQQLYMIPEARQAVFTAKYSEDMKHKTTLLELQKMFTYLMESECKAYNPRPFCKTYTMDK
QPLNTGEQKDMTEFFTDLITKIEEMSPELKNTVKSLFGGVITNNVVSLDCEHVSQTAEEFYTVRCQVADMKNIYESLDEV
TIKDTLEGDNMYTCSHCGKKVRAEKRACFKKLPRILSFNTMRYTFNMVTMMKEKVNTHFSFPLRLDMTPYTEDFLMGKSE
RKEGFKEVSDHSKDSESYEYDLIGVTVHTGTADGGHYYSFIRDIVNPHAYKNNKWYLFNDAEVKPFDSAQLASECFGGEM
TTKTYDSVTDKFMDFSFEKTHSAYMLFYKRMEPEEENGREYKFDVSSELLEWIWHDNMQFLQDK
;
A,B,C
2 'polypeptide(L)' MQIFVKTLTGKTITLEVEPSDTIENVKAKIQDKEGIPPDQQRLIFAGKQLEDGRTLSDYNIQKESTLHLVLRLRG D,E,F
#
loop_
_chem_comp.id
_chem_comp.type
_chem_comp.name
_chem_comp.formula
AYE non-polymer prop-2-en-1-amine 'C3 H7 N'
ZN non-polymer 'ZINC ION' 'Zn 2'
#
# COMPACT_ATOMS: atom_id res chain seq x y z
N ARG A 4 25.38 7.15 9.19
CA ARG A 4 24.76 8.17 8.35
C ARG A 4 24.26 9.27 9.28
N PHE A 5 24.22 8.93 10.56
CA PHE A 5 24.03 9.85 11.66
C PHE A 5 25.27 9.77 12.54
N VAL A 6 25.53 10.81 13.31
CA VAL A 6 26.67 10.82 14.23
C VAL A 6 26.16 10.59 15.64
N GLY A 7 26.82 9.69 16.37
CA GLY A 7 26.46 9.38 17.74
C GLY A 7 27.34 10.09 18.75
N LEU A 8 27.13 9.75 20.02
CA LEU A 8 27.82 10.42 21.12
C LEU A 8 28.49 9.38 21.99
N THR A 9 29.81 9.48 22.11
CA THR A 9 30.59 8.53 22.90
C THR A 9 30.18 8.56 24.36
N ASN A 10 30.08 7.37 24.96
CA ASN A 10 29.81 7.25 26.39
C ASN A 10 31.09 7.49 27.17
N LEU A 11 31.09 8.51 28.03
CA LEU A 11 32.23 8.80 28.88
C LEU A 11 32.29 7.87 30.09
N GLY A 12 31.30 6.98 30.24
CA GLY A 12 31.22 6.11 31.39
C GLY A 12 29.78 5.95 31.82
N ALA A 13 29.07 7.05 31.99
CA ALA A 13 27.69 6.99 32.45
C ALA A 13 26.84 8.13 31.91
N THR A 14 27.14 8.61 30.70
CA THR A 14 26.41 9.72 30.09
C THR A 14 25.31 9.25 29.15
N CYS A 15 24.65 8.14 29.48
CA CYS A 15 23.50 7.65 28.74
C CYS A 15 22.47 8.77 28.57
N TYR A 16 22.06 9.35 29.71
CA TYR A 16 21.08 10.43 29.73
C TYR A 16 21.52 11.57 28.82
N LEU A 17 22.81 11.93 28.87
CA LEU A 17 23.30 13.10 28.14
C LEU A 17 23.17 12.90 26.64
N ALA A 18 23.61 11.73 26.15
CA ALA A 18 23.46 11.41 24.73
C ALA A 18 22.01 11.50 24.30
N SER A 19 21.11 10.85 25.05
CA SER A 19 19.69 10.91 24.74
C SER A 19 19.20 12.34 24.65
N THR A 20 19.66 13.20 25.57
CA THR A 20 19.14 14.57 25.64
C THR A 20 19.71 15.43 24.52
N ILE A 21 21.02 15.36 24.30
CA ILE A 21 21.65 16.15 23.25
C ILE A 21 21.08 15.79 21.89
N GLN A 22 20.94 14.49 21.61
CA GLN A 22 20.48 14.07 20.29
C GLN A 22 19.04 14.50 20.05
N GLN A 23 18.19 14.46 21.07
CA GLN A 23 16.81 14.90 20.86
C GLN A 23 16.74 16.40 20.62
N LEU A 24 17.48 17.19 21.41
CA LEU A 24 17.60 18.61 21.11
C LEU A 24 18.15 18.84 19.71
N TYR A 25 19.17 18.07 19.33
CA TYR A 25 19.77 18.23 18.02
C TYR A 25 18.78 17.94 16.90
N MET A 26 17.85 17.02 17.11
CA MET A 26 16.94 16.62 16.05
C MET A 26 15.72 17.53 15.93
N ILE A 27 15.49 18.41 16.91
CA ILE A 27 14.44 19.42 16.79
C ILE A 27 15.05 20.59 16.04
N PRO A 28 14.67 20.84 14.78
CA PRO A 28 15.41 21.82 13.97
C PRO A 28 15.37 23.23 14.53
N GLU A 29 14.23 23.67 15.08
CA GLU A 29 14.16 24.99 15.67
C GLU A 29 15.25 25.18 16.72
N ALA A 30 15.50 24.16 17.54
CA ALA A 30 16.50 24.26 18.59
C ALA A 30 17.92 24.12 18.07
N ARG A 31 18.13 23.28 17.05
CA ARG A 31 19.44 23.22 16.41
C ARG A 31 19.83 24.58 15.85
N GLN A 32 18.94 25.17 15.04
CA GLN A 32 19.21 26.50 14.50
C GLN A 32 19.30 27.53 15.62
N ALA A 33 18.53 27.35 16.69
CA ALA A 33 18.60 28.30 17.81
C ALA A 33 19.97 28.27 18.46
N VAL A 34 20.50 27.08 18.72
CA VAL A 34 21.83 26.96 19.31
C VAL A 34 22.88 27.48 18.34
N PHE A 35 22.69 27.26 17.04
CA PHE A 35 23.66 27.71 16.05
C PHE A 35 23.78 29.23 16.05
N THR A 36 22.67 29.92 15.80
CA THR A 36 22.67 31.37 15.64
C THR A 36 22.73 32.13 16.95
N ALA A 37 22.89 31.46 18.09
CA ALA A 37 23.01 32.15 19.36
C ALA A 37 24.23 33.07 19.33
N LYS A 38 24.04 34.32 19.75
CA LYS A 38 25.08 35.33 19.67
C LYS A 38 25.83 35.41 20.99
N TYR A 39 27.11 35.03 20.96
CA TYR A 39 28.00 35.11 22.10
C TYR A 39 28.07 36.52 22.66
N SER A 40 27.90 36.64 23.98
CA SER A 40 28.11 37.87 24.72
C SER A 40 29.32 37.70 25.64
N GLU A 41 29.58 38.71 26.46
CA GLU A 41 30.70 38.62 27.40
C GLU A 41 30.25 38.19 28.79
N ASP A 42 29.26 38.87 29.36
CA ASP A 42 28.75 38.53 30.68
C ASP A 42 27.58 37.56 30.64
N MET A 43 27.35 36.90 29.50
CA MET A 43 26.32 35.89 29.43
C MET A 43 26.69 34.68 30.27
N LYS A 44 25.68 34.05 30.85
CA LYS A 44 25.91 32.90 31.72
C LYS A 44 26.03 31.63 30.89
N HIS A 45 26.89 30.72 31.36
CA HIS A 45 27.13 29.42 30.72
C HIS A 45 27.73 29.59 29.32
N LYS A 46 28.53 30.65 29.16
CA LYS A 46 29.19 30.93 27.89
C LYS A 46 29.94 29.71 27.37
N THR A 47 30.73 29.07 28.23
CA THR A 47 31.51 27.91 27.81
C THR A 47 30.61 26.79 27.32
N THR A 48 29.43 26.63 27.91
CA THR A 48 28.55 25.54 27.54
C THR A 48 27.90 25.78 26.18
N LEU A 49 27.31 26.96 25.98
CA LEU A 49 26.79 27.32 24.67
C LEU A 49 27.86 27.18 23.60
N LEU A 50 29.09 27.57 23.93
CA LEU A 50 30.19 27.42 23.00
C LEU A 50 30.45 25.94 22.70
N GLU A 51 30.56 25.12 23.75
CA GLU A 51 30.78 23.69 23.54
C GLU A 51 29.56 23.02 22.91
N LEU A 52 28.35 23.53 23.21
CA LEU A 52 27.15 23.00 22.57
C LEU A 52 27.16 23.24 21.07
N GLN A 53 27.73 24.36 20.64
CA GLN A 53 27.76 24.68 19.20
C GLN A 53 28.68 23.73 18.45
N LYS A 54 29.92 23.55 18.95
CA LYS A 54 30.84 22.62 18.31
C LYS A 54 30.24 21.23 18.21
N MET A 55 29.57 20.78 19.27
CA MET A 55 28.92 19.47 19.25
C MET A 55 27.85 19.42 18.17
N PHE A 56 26.96 20.41 18.16
CA PHE A 56 25.86 20.43 17.19
C PHE A 56 26.38 20.51 15.76
N THR A 57 27.50 21.20 15.54
CA THR A 57 28.08 21.24 14.20
C THR A 57 28.74 19.91 13.86
N TYR A 58 29.51 19.36 14.80
CA TYR A 58 30.13 18.05 14.58
C TYR A 58 29.07 16.99 14.31
N LEU A 59 27.97 17.02 15.06
CA LEU A 59 26.89 16.06 14.83
C LEU A 59 26.38 16.14 13.39
N MET A 60 26.35 17.34 12.82
CA MET A 60 25.73 17.52 11.51
C MET A 60 26.71 17.22 10.36
N GLU A 61 27.88 17.85 10.39
CA GLU A 61 28.75 17.87 9.22
C GLU A 61 29.90 16.87 9.27
N SER A 62 30.09 16.16 10.38
CA SER A 62 31.24 15.29 10.51
C SER A 62 31.03 13.96 9.79
N GLU A 63 32.11 13.45 9.22
CA GLU A 63 32.13 12.16 8.54
C GLU A 63 32.31 10.99 9.50
N CYS A 64 32.52 11.26 10.79
CA CYS A 64 32.89 10.22 11.74
C CYS A 64 31.67 9.60 12.39
N LYS A 65 31.91 8.53 13.14
CA LYS A 65 30.82 7.77 13.76
C LYS A 65 30.28 8.48 15.00
N ALA A 66 31.16 8.98 15.86
CA ALA A 66 30.71 9.54 17.13
C ALA A 66 31.58 10.72 17.51
N TYR A 67 30.97 11.67 18.22
CA TYR A 67 31.64 12.82 18.80
C TYR A 67 31.86 12.55 20.29
N ASN A 68 33.10 12.64 20.73
CA ASN A 68 33.39 12.40 22.14
C ASN A 68 32.99 13.66 22.91
N PRO A 69 31.96 13.59 23.75
CA PRO A 69 31.41 14.81 24.34
C PRO A 69 32.17 15.29 25.57
N ARG A 70 33.42 14.86 25.72
CA ARG A 70 34.20 15.27 26.89
C ARG A 70 34.41 16.77 26.97
N PRO A 71 34.80 17.49 25.91
CA PRO A 71 34.92 18.96 26.02
C PRO A 71 33.64 19.60 26.54
N PHE A 72 32.48 19.11 26.10
CA PHE A 72 31.22 19.55 26.67
C PHE A 72 31.14 19.22 28.16
N CYS A 73 31.43 17.97 28.52
CA CYS A 73 31.17 17.50 29.87
C CYS A 73 32.14 18.08 30.89
N LYS A 74 33.36 18.44 30.48
CA LYS A 74 34.32 18.94 31.46
C LYS A 74 33.97 20.33 31.95
N THR A 75 33.21 21.11 31.17
CA THR A 75 32.77 22.42 31.60
C THR A 75 31.31 22.45 32.03
N TYR A 76 30.58 21.35 31.87
CA TYR A 76 29.19 21.34 32.30
C TYR A 76 29.11 21.26 33.82
N THR A 77 28.32 22.15 34.41
CA THR A 77 28.14 22.22 35.85
C THR A 77 26.70 21.90 36.18
N MET A 78 26.49 21.02 37.16
CA MET A 78 25.16 20.56 37.52
C MET A 78 24.95 20.76 39.01
N ASP A 79 23.83 21.40 39.35
CA ASP A 79 23.62 22.00 40.67
C ASP A 79 24.78 22.96 40.94
N LYS A 80 25.68 22.61 41.86
CA LYS A 80 26.83 23.46 42.14
C LYS A 80 28.14 22.92 41.56
N GLN A 81 28.34 21.61 41.57
CA GLN A 81 29.65 21.04 41.28
C GLN A 81 29.75 20.64 39.81
N PRO A 82 30.97 20.44 39.30
CA PRO A 82 31.11 20.02 37.90
C PRO A 82 30.54 18.63 37.66
N LEU A 83 30.30 18.33 36.39
CA LEU A 83 29.58 17.12 36.03
C LEU A 83 30.44 15.88 36.25
N ASN A 84 29.86 14.87 36.88
CA ASN A 84 30.52 13.60 37.11
C ASN A 84 30.12 12.64 35.99
N THR A 85 31.07 12.38 35.08
CA THR A 85 30.78 11.51 33.93
C THR A 85 30.64 10.05 34.31
N GLY A 86 30.86 9.69 35.57
CA GLY A 86 30.64 8.34 36.06
C GLY A 86 29.37 8.17 36.87
N GLU A 87 28.52 9.19 36.96
CA GLU A 87 27.34 9.16 37.80
C GLU A 87 26.10 9.00 36.93
N GLN A 88 25.38 7.90 37.12
CA GLN A 88 24.10 7.71 36.45
C GLN A 88 23.13 8.82 36.85
N LYS A 89 22.37 9.32 35.89
CA LYS A 89 21.47 10.43 36.15
C LYS A 89 20.14 10.21 35.44
N ASP A 90 19.12 10.92 35.94
CA ASP A 90 17.78 10.89 35.36
C ASP A 90 17.75 11.77 34.12
N MET A 91 17.31 11.20 33.00
CA MET A 91 17.33 11.93 31.74
C MET A 91 16.47 13.19 31.82
N THR A 92 15.25 13.05 32.34
CA THR A 92 14.36 14.21 32.46
C THR A 92 14.95 15.27 33.38
N GLU A 93 15.76 14.87 34.35
CA GLU A 93 16.45 15.83 35.20
C GLU A 93 17.49 16.61 34.42
N PHE A 94 18.40 15.89 33.74
CA PHE A 94 19.37 16.55 32.88
C PHE A 94 18.70 17.40 31.80
N PHE A 95 17.52 17.00 31.35
CA PHE A 95 16.83 17.77 30.32
C PHE A 95 16.38 19.13 30.86
N THR A 96 15.82 19.15 32.06
CA THR A 96 15.45 20.42 32.70
C THR A 96 16.69 21.26 32.97
N ASP A 97 17.77 20.62 33.42
CA ASP A 97 19.01 21.34 33.71
C ASP A 97 19.51 22.09 32.49
N LEU A 98 19.58 21.41 31.34
CA LEU A 98 20.15 22.03 30.13
C LEU A 98 19.21 23.05 29.53
N ILE A 99 17.90 22.74 29.48
CA ILE A 99 16.93 23.70 28.96
C ILE A 99 16.90 24.95 29.82
N THR A 100 17.11 24.81 31.13
CA THR A 100 17.16 25.98 32.01
C THR A 100 18.39 26.83 31.69
N LYS A 101 19.57 26.20 31.57
CA LYS A 101 20.77 26.94 31.21
C LYS A 101 20.58 27.71 29.90
N ILE A 102 20.22 27.00 28.83
CA ILE A 102 20.04 27.64 27.53
C ILE A 102 19.09 28.82 27.64
N GLU A 103 18.01 28.67 28.40
CA GLU A 103 17.11 29.79 28.66
C GLU A 103 17.87 30.95 29.31
N GLU A 104 18.76 30.65 30.25
CA GLU A 104 19.45 31.68 31.01
C GLU A 104 20.63 32.29 30.26
N MET A 105 20.91 31.86 29.02
CA MET A 105 22.10 32.33 28.33
C MET A 105 21.91 33.72 27.74
N SER A 106 20.94 33.88 26.86
CA SER A 106 20.61 35.19 26.31
C SER A 106 19.09 35.32 26.24
N PRO A 107 18.56 36.53 26.42
CA PRO A 107 17.10 36.72 26.28
C PRO A 107 16.57 36.33 24.92
N GLU A 108 17.43 36.29 23.89
CA GLU A 108 17.02 35.72 22.61
C GLU A 108 16.68 34.25 22.77
N LEU A 109 17.53 33.50 23.48
CA LEU A 109 17.32 32.07 23.65
C LEU A 109 16.16 31.78 24.59
N LYS A 110 16.05 32.55 25.69
CA LYS A 110 14.94 32.37 26.62
C LYS A 110 13.61 32.43 25.91
N ASN A 111 13.41 33.46 25.08
CA ASN A 111 12.17 33.59 24.33
C ASN A 111 12.00 32.41 23.37
N THR A 112 13.11 31.87 22.86
CA THR A 112 13.04 30.69 22.01
C THR A 112 12.67 29.45 22.83
N VAL A 113 13.36 29.24 23.95
CA VAL A 113 13.14 28.02 24.74
C VAL A 113 11.72 27.98 25.29
N LYS A 114 11.28 29.08 25.92
CA LYS A 114 9.94 29.15 26.48
C LYS A 114 8.90 28.88 25.41
N SER A 115 9.03 29.51 24.25
CA SER A 115 8.07 29.30 23.18
C SER A 115 8.16 27.88 22.62
N LEU A 116 9.36 27.29 22.64
CA LEU A 116 9.54 25.96 22.04
C LEU A 116 9.16 24.85 23.02
N PHE A 117 9.66 24.92 24.26
CA PHE A 117 9.49 23.84 25.22
C PHE A 117 8.62 24.20 26.41
N GLY A 118 8.18 25.45 26.53
CA GLY A 118 7.48 25.91 27.72
C GLY A 118 5.98 26.00 27.53
N GLY A 119 5.25 25.75 28.61
CA GLY A 119 3.80 25.82 28.59
C GLY A 119 3.25 26.38 29.88
N VAL A 120 1.94 26.58 29.90
CA VAL A 120 1.26 27.20 31.04
C VAL A 120 0.05 26.33 31.40
N ILE A 121 0.05 25.82 32.64
CA ILE A 121 -1.13 25.20 33.23
C ILE A 121 -1.89 26.26 34.02
N THR A 122 -3.20 26.29 33.87
CA THR A 122 -4.08 27.05 34.74
C THR A 122 -4.92 26.08 35.56
N ASN A 123 -4.72 26.11 36.87
CA ASN A 123 -5.47 25.27 37.80
C ASN A 123 -6.32 26.15 38.69
N ASN A 124 -7.57 25.73 38.89
CA ASN A 124 -8.63 26.60 39.39
C ASN A 124 -9.29 25.96 40.61
N VAL A 125 -9.35 26.72 41.71
CA VAL A 125 -9.96 26.28 42.96
C VAL A 125 -11.29 26.99 43.12
N VAL A 126 -12.34 26.22 43.39
CA VAL A 126 -13.67 26.77 43.66
C VAL A 126 -14.19 26.14 44.94
N SER A 127 -14.73 26.97 45.83
CA SER A 127 -15.11 26.54 47.17
C SER A 127 -16.58 26.14 47.21
N LEU A 128 -16.85 25.04 47.93
CA LEU A 128 -18.20 24.51 48.01
C LEU A 128 -19.04 25.19 49.08
N ASP A 129 -18.42 25.58 50.19
CA ASP A 129 -19.10 26.27 51.28
C ASP A 129 -18.70 27.74 51.34
N CYS A 130 -18.44 28.35 50.19
CA CYS A 130 -18.06 29.75 50.11
C CYS A 130 -18.61 30.32 48.81
N GLU A 131 -18.24 31.58 48.56
CA GLU A 131 -18.65 32.31 47.37
C GLU A 131 -17.45 32.64 46.48
N HIS A 132 -16.31 32.03 46.73
CA HIS A 132 -15.03 32.50 46.22
C HIS A 132 -14.54 31.60 45.09
N VAL A 133 -13.33 31.92 44.62
CA VAL A 133 -12.66 31.20 43.56
C VAL A 133 -11.25 31.78 43.46
N SER A 134 -10.24 30.91 43.25
CA SER A 134 -8.86 31.39 43.09
C SER A 134 -8.18 30.50 42.04
N GLN A 135 -8.35 30.88 40.78
CA GLN A 135 -7.60 30.26 39.70
C GLN A 135 -6.28 30.99 39.52
N THR A 136 -5.21 30.23 39.32
CA THR A 136 -3.87 30.81 39.19
C THR A 136 -3.26 30.31 37.88
N ALA A 137 -1.95 30.46 37.77
CA ALA A 137 -1.20 29.99 36.60
C ALA A 137 0.02 29.22 37.06
N GLU A 138 0.47 28.29 36.21
CA GLU A 138 1.67 27.53 36.46
C GLU A 138 2.47 27.45 35.16
N GLU A 139 3.78 27.60 35.28
CA GLU A 139 4.67 27.40 34.16
C GLU A 139 5.18 25.96 34.17
N PHE A 140 5.39 25.39 32.99
CA PHE A 140 5.92 24.04 32.91
C PHE A 140 6.73 23.87 31.65
N TYR A 141 7.61 22.87 31.69
CA TYR A 141 8.35 22.38 30.53
C TYR A 141 7.99 20.94 30.19
N THR A 142 7.88 20.08 31.19
CA THR A 142 7.57 18.66 31.01
C THR A 142 6.35 18.32 31.86
N VAL A 143 5.46 17.49 31.31
CA VAL A 143 4.23 17.08 31.97
C VAL A 143 4.39 15.64 32.43
N ARG A 144 4.30 15.42 33.74
CA ARG A 144 4.41 14.07 34.28
C ARG A 144 3.08 13.33 34.14
N CYS A 145 3.17 12.05 33.76
CA CYS A 145 1.99 11.22 33.56
C CYS A 145 2.05 10.04 34.53
N GLN A 146 0.93 9.77 35.19
CA GLN A 146 0.81 8.55 35.98
C GLN A 146 0.82 7.36 35.04
N VAL A 147 1.60 6.33 35.38
CA VAL A 147 1.74 5.14 34.55
C VAL A 147 1.11 3.92 35.21
N ALA A 148 1.38 3.72 36.50
CA ALA A 148 0.78 2.62 37.23
C ALA A 148 -0.74 2.79 37.25
N ASP A 149 -1.46 1.70 36.97
CA ASP A 149 -2.92 1.71 36.89
C ASP A 149 -3.40 2.72 35.85
N MET A 150 -2.70 2.76 34.71
CA MET A 150 -3.09 3.53 33.54
C MET A 150 -2.75 2.72 32.30
N LYS A 151 -3.64 2.74 31.31
CA LYS A 151 -3.46 1.92 30.12
C LYS A 151 -2.89 2.69 28.94
N ASN A 152 -2.89 4.02 28.99
CA ASN A 152 -2.42 4.86 27.89
C ASN A 152 -2.21 6.26 28.41
N ILE A 153 -1.67 7.14 27.55
CA ILE A 153 -1.44 8.52 27.96
C ILE A 153 -2.73 9.34 27.94
N TYR A 154 -3.75 8.91 27.21
CA TYR A 154 -5.05 9.59 27.29
C TYR A 154 -5.66 9.41 28.68
N GLU A 155 -5.55 8.22 29.26
CA GLU A 155 -6.00 8.02 30.64
C GLU A 155 -5.21 8.91 31.60
N SER A 156 -3.90 9.02 31.40
CA SER A 156 -3.08 9.86 32.26
C SER A 156 -3.56 11.30 32.21
N LEU A 157 -3.67 11.88 31.01
CA LEU A 157 -4.12 13.25 30.87
C LEU A 157 -5.52 13.45 31.44
N ASP A 158 -6.38 12.44 31.30
CA ASP A 158 -7.69 12.50 31.94
C ASP A 158 -7.57 12.62 33.45
N GLU A 159 -6.52 12.04 34.02
CA GLU A 159 -6.30 12.14 35.47
C GLU A 159 -5.56 13.42 35.82
N VAL A 160 -4.62 13.85 34.98
CA VAL A 160 -3.90 15.10 35.22
C VAL A 160 -4.88 16.27 35.29
N THR A 161 -5.86 16.28 34.39
CA THR A 161 -6.87 17.34 34.33
C THR A 161 -8.17 16.89 34.98
N ILE A 162 -8.08 16.21 36.13
CA ILE A 162 -9.26 15.69 36.81
C ILE A 162 -9.78 16.75 37.77
N LYS A 163 -11.04 16.59 38.19
CA LYS A 163 -11.64 17.49 39.17
C LYS A 163 -11.44 16.87 40.56
N ASP A 164 -10.35 17.28 41.21
CA ASP A 164 -10.03 16.80 42.55
C ASP A 164 -10.79 17.59 43.59
N THR A 165 -11.06 16.95 44.73
CA THR A 165 -11.80 17.57 45.83
C THR A 165 -10.87 17.73 47.03
N LEU A 166 -10.50 18.98 47.32
CA LEU A 166 -9.73 19.30 48.52
C LEU A 166 -10.64 19.17 49.74
N GLU A 167 -10.40 18.14 50.56
CA GLU A 167 -11.24 17.92 51.73
C GLU A 167 -10.44 17.26 52.84
N GLY A 168 -10.85 17.54 54.07
CA GLY A 168 -10.26 16.88 55.23
C GLY A 168 -8.86 17.40 55.51
N ASP A 169 -7.94 16.46 55.71
CA ASP A 169 -6.54 16.76 56.05
C ASP A 169 -5.96 17.72 55.02
N ASN A 170 -6.60 17.85 53.86
CA ASN A 170 -6.08 18.69 52.76
C ASN A 170 -7.10 19.76 52.36
N MET A 171 -7.64 20.46 53.35
CA MET A 171 -8.63 21.50 53.12
C MET A 171 -7.95 22.78 52.64
N TYR A 172 -8.73 23.70 52.08
CA TYR A 172 -8.18 24.73 51.21
C TYR A 172 -7.46 25.85 51.98
N THR A 173 -8.11 26.43 52.99
CA THR A 173 -7.77 27.75 53.56
C THR A 173 -8.09 28.86 52.57
N CYS A 174 -9.37 29.22 52.46
CA CYS A 174 -9.76 30.39 51.69
C CYS A 174 -9.10 31.63 52.28
N SER A 175 -8.29 32.30 51.46
CA SER A 175 -7.52 33.45 51.95
C SER A 175 -8.43 34.64 52.25
N HIS A 176 -9.56 34.75 51.54
CA HIS A 176 -10.55 35.79 51.81
C HIS A 176 -11.53 35.39 52.89
N CYS A 177 -11.25 34.30 53.63
CA CYS A 177 -12.19 33.83 54.65
C CYS A 177 -11.52 33.28 55.90
N GLY A 178 -10.18 33.25 55.98
CA GLY A 178 -9.46 32.83 57.17
C GLY A 178 -9.88 31.49 57.73
N LYS A 179 -10.42 30.62 56.89
CA LYS A 179 -10.91 29.32 57.33
C LYS A 179 -10.71 28.31 56.21
N LYS A 180 -10.52 27.05 56.61
CA LYS A 180 -10.36 25.97 55.64
C LYS A 180 -11.72 25.52 55.11
N VAL A 181 -11.79 25.29 53.80
CA VAL A 181 -13.06 25.11 53.12
C VAL A 181 -13.01 23.90 52.19
N ARG A 182 -14.17 23.29 52.00
CA ARG A 182 -14.34 22.30 50.95
C ARG A 182 -14.19 22.95 49.58
N ALA A 183 -13.27 22.43 48.77
CA ALA A 183 -12.99 23.01 47.47
C ALA A 183 -12.67 21.91 46.48
N GLU A 184 -13.07 22.13 45.23
CA GLU A 184 -12.73 21.25 44.12
C GLU A 184 -11.78 21.97 43.19
N LYS A 185 -10.56 21.44 43.05
CA LYS A 185 -9.54 22.03 42.19
C LYS A 185 -9.30 21.14 40.97
N ARG A 186 -9.02 21.77 39.84
CA ARG A 186 -8.72 21.06 38.61
C ARG A 186 -7.73 21.86 37.78
N ALA A 187 -6.73 21.18 37.24
CA ALA A 187 -5.76 21.79 36.36
C ALA A 187 -6.14 21.56 34.90
N CYS A 188 -5.63 22.42 34.02
CA CYS A 188 -5.79 22.29 32.59
C CYS A 188 -4.77 23.19 31.90
N PHE A 189 -4.61 22.97 30.60
CA PHE A 189 -3.52 23.58 29.84
C PHE A 189 -4.02 24.85 29.16
N LYS A 190 -3.33 25.98 29.42
CA LYS A 190 -3.63 27.23 28.74
C LYS A 190 -2.79 27.41 27.48
N LYS A 191 -1.47 27.52 27.64
CA LYS A 191 -0.56 27.52 26.51
C LYS A 191 0.20 26.20 26.49
N LEU A 192 0.05 25.46 25.40
CA LEU A 192 0.81 24.26 25.09
C LEU A 192 2.08 24.64 24.34
N PRO A 193 3.19 23.95 24.58
CA PRO A 193 4.43 24.27 23.86
C PRO A 193 4.42 23.70 22.45
N ARG A 194 5.32 24.23 21.62
CA ARG A 194 5.49 23.69 20.27
C ARG A 194 6.02 22.26 20.34
N ILE A 195 7.00 22.01 21.19
CA ILE A 195 7.53 20.67 21.43
C ILE A 195 7.04 20.26 22.82
N LEU A 196 6.04 19.39 22.87
CA LEU A 196 5.45 18.98 24.15
C LEU A 196 6.12 17.70 24.64
N SER A 197 6.68 17.77 25.84
CA SER A 197 7.38 16.65 26.46
C SER A 197 6.55 16.06 27.59
N PHE A 198 6.45 14.74 27.63
CA PHE A 198 5.81 14.02 28.73
C PHE A 198 6.84 13.18 29.47
N ASN A 199 6.62 13.02 30.77
CA ASN A 199 7.43 12.15 31.63
C ASN A 199 6.53 11.07 32.20
N THR A 200 6.49 9.93 31.53
CA THR A 200 5.83 8.74 32.05
C THR A 200 6.64 8.23 33.24
N MET A 201 6.22 8.59 34.45
CA MET A 201 6.97 8.18 35.63
C MET A 201 6.71 6.70 35.87
N ARG A 202 7.68 5.87 35.52
CA ARG A 202 7.55 4.42 35.64
C ARG A 202 8.26 3.96 36.92
N TYR A 203 7.69 4.36 38.05
CA TYR A 203 8.19 3.93 39.35
C TYR A 203 7.11 4.17 40.39
N THR A 204 7.14 3.34 41.44
CA THR A 204 6.37 3.58 42.64
C THR A 204 7.28 3.38 43.85
N PHE A 205 6.99 4.08 44.93
CA PHE A 205 7.73 3.91 46.17
C PHE A 205 6.97 2.92 47.03
N ASN A 206 7.60 1.77 47.28
CA ASN A 206 6.95 0.70 48.03
C ASN A 206 6.98 1.03 49.51
N MET A 207 5.82 1.06 50.15
CA MET A 207 5.74 1.51 51.53
C MET A 207 6.17 0.44 52.52
N VAL A 208 6.00 -0.84 52.18
CA VAL A 208 6.41 -1.90 53.11
C VAL A 208 7.93 -2.04 53.11
N THR A 209 8.55 -2.02 51.92
CA THR A 209 9.97 -2.26 51.80
C THR A 209 10.80 -0.99 51.76
N MET A 210 10.17 0.18 51.91
CA MET A 210 10.85 1.48 51.96
C MET A 210 11.68 1.76 50.71
N MET A 211 11.28 1.21 49.56
CA MET A 211 12.15 1.23 48.39
C MET A 211 11.38 1.62 47.13
N LYS A 212 12.06 2.38 46.28
CA LYS A 212 11.56 2.68 44.95
C LYS A 212 11.47 1.41 44.11
N GLU A 213 10.42 1.31 43.31
CA GLU A 213 10.12 0.10 42.55
C GLU A 213 9.74 0.49 41.14
N LYS A 214 10.53 0.08 40.16
CA LYS A 214 10.26 0.48 38.78
C LYS A 214 8.98 -0.18 38.26
N VAL A 215 8.15 0.62 37.60
CA VAL A 215 6.87 0.16 37.07
C VAL A 215 7.08 -0.31 35.63
N ASN A 216 6.63 -1.54 35.35
CA ASN A 216 6.85 -2.16 34.05
C ASN A 216 5.56 -2.52 33.33
N THR A 217 4.41 -2.03 33.81
CA THR A 217 3.14 -2.37 33.20
C THR A 217 3.02 -1.76 31.80
N HIS A 218 2.11 -2.32 31.01
CA HIS A 218 1.87 -1.83 29.66
C HIS A 218 1.32 -0.42 29.70
N PHE A 219 1.87 0.45 28.84
CA PHE A 219 1.42 1.84 28.76
C PHE A 219 1.70 2.33 27.35
N SER A 220 0.64 2.56 26.58
CA SER A 220 0.73 2.95 25.19
C SER A 220 0.58 4.46 25.03
N PHE A 221 0.99 4.95 23.87
CA PHE A 221 0.83 6.36 23.52
C PHE A 221 0.67 6.45 22.00
N PRO A 222 -0.15 7.38 21.51
CA PRO A 222 -0.44 7.41 20.07
C PRO A 222 0.70 8.00 19.27
N LEU A 223 0.72 7.66 17.98
CA LEU A 223 1.69 8.27 17.08
C LEU A 223 1.32 9.71 16.77
N ARG A 224 0.03 9.98 16.59
CA ARG A 224 -0.50 11.34 16.54
C ARG A 224 -1.43 11.55 17.73
N LEU A 225 -1.22 12.65 18.44
CA LEU A 225 -1.94 12.95 19.67
C LEU A 225 -2.84 14.16 19.47
N ASP A 226 -4.04 14.10 20.02
CA ASP A 226 -4.98 15.22 20.01
C ASP A 226 -5.17 15.69 21.46
N MET A 227 -4.62 16.85 21.78
CA MET A 227 -4.64 17.42 23.13
C MET A 227 -5.90 18.22 23.44
N THR A 228 -6.90 18.21 22.55
CA THR A 228 -8.06 19.08 22.72
C THR A 228 -8.77 18.94 24.07
N PRO A 229 -9.07 17.74 24.58
CA PRO A 229 -9.91 17.66 25.79
C PRO A 229 -9.25 18.16 27.07
N TYR A 230 -8.03 18.70 27.01
CA TYR A 230 -7.33 19.17 28.19
C TYR A 230 -6.88 20.61 28.04
N THR A 231 -7.44 21.33 27.09
CA THR A 231 -7.16 22.75 26.91
C THR A 231 -8.17 23.58 27.69
N GLU A 232 -7.73 24.75 28.16
CA GLU A 232 -8.63 25.64 28.89
C GLU A 232 -9.83 26.07 28.04
N ASP A 233 -9.71 26.00 26.72
CA ASP A 233 -10.85 26.32 25.87
C ASP A 233 -11.94 25.26 25.95
N PHE A 234 -11.57 24.00 26.18
CA PHE A 234 -12.57 22.94 26.24
C PHE A 234 -13.18 22.82 27.63
N LEU A 235 -12.34 22.78 28.67
CA LEU A 235 -12.83 22.89 30.04
C LEU A 235 -13.09 24.36 30.34
N MET A 236 -13.28 24.69 31.62
CA MET A 236 -13.49 26.08 32.05
C MET A 236 -14.57 26.79 31.24
N GLU A 256 -3.42 27.99 18.48
CA GLU A 256 -3.76 27.31 17.24
C GLU A 256 -4.04 25.80 17.45
N SER A 257 -3.45 24.96 16.61
CA SER A 257 -3.78 23.55 16.58
C SER A 257 -3.31 22.83 17.83
N TYR A 258 -4.05 21.79 18.22
CA TYR A 258 -3.70 20.95 19.36
C TYR A 258 -3.35 19.52 18.98
N GLU A 259 -3.28 19.21 17.69
CA GLU A 259 -2.82 17.90 17.26
C GLU A 259 -1.30 17.87 17.21
N TYR A 260 -0.72 16.79 17.73
CA TYR A 260 0.73 16.65 17.81
C TYR A 260 1.17 15.36 17.14
N ASP A 261 2.45 15.31 16.79
CA ASP A 261 3.06 14.15 16.14
C ASP A 261 4.24 13.68 16.98
N LEU A 262 4.28 12.37 17.25
CA LEU A 262 5.38 11.81 18.02
C LEU A 262 6.67 11.87 17.22
N ILE A 263 7.67 12.58 17.75
CA ILE A 263 8.98 12.61 17.13
C ILE A 263 10.04 11.91 17.96
N GLY A 264 9.78 11.63 19.24
CA GLY A 264 10.82 11.08 20.08
C GLY A 264 10.36 10.31 21.31
N VAL A 265 11.03 9.19 21.56
CA VAL A 265 10.82 8.38 22.76
C VAL A 265 12.18 8.17 23.42
N THR A 266 12.21 8.33 24.74
CA THR A 266 13.44 8.05 25.49
C THR A 266 13.21 6.81 26.35
N VAL A 267 13.81 5.74 25.96
CA VAL A 267 13.59 4.46 26.62
C VAL A 267 14.60 4.29 27.72
N HIS A 268 14.16 3.77 28.87
CA HIS A 268 15.02 3.36 29.97
C HIS A 268 14.93 1.85 30.13
N THR A 269 16.08 1.16 30.13
CA THR A 269 16.16 -0.29 30.25
C THR A 269 16.75 -0.64 31.62
N GLY A 270 16.03 -1.40 32.40
CA GLY A 270 16.64 -1.76 33.65
C GLY A 270 15.69 -1.54 34.81
N THR A 271 16.26 -1.47 36.00
CA THR A 271 15.51 -1.56 37.23
C THR A 271 15.60 -0.23 37.97
N ALA A 272 15.15 -0.22 39.23
CA ALA A 272 15.16 1.04 39.95
C ALA A 272 16.55 1.41 40.47
N ASP A 273 17.47 0.46 40.57
CA ASP A 273 18.80 0.79 41.08
C ASP A 273 19.69 1.48 40.05
N GLY A 274 19.27 1.53 38.81
CA GLY A 274 20.14 2.04 37.77
C GLY A 274 19.78 1.33 36.50
N GLY A 275 20.19 1.91 35.39
CA GLY A 275 19.82 1.33 34.12
C GLY A 275 20.69 1.82 32.99
N HIS A 276 20.08 1.89 31.80
CA HIS A 276 20.74 2.37 30.59
C HIS A 276 19.68 3.04 29.73
N TYR A 277 20.12 3.98 28.89
CA TYR A 277 19.20 4.83 28.18
C TYR A 277 19.46 4.66 26.68
N TYR A 278 18.48 5.05 25.88
CA TYR A 278 18.59 5.05 24.43
C TYR A 278 17.32 5.72 23.90
N SER A 279 17.34 6.09 22.63
CA SER A 279 16.24 6.89 22.10
C SER A 279 15.86 6.45 20.68
N PHE A 280 14.61 6.49 20.47
CA PHE A 280 14.06 6.36 19.13
C PHE A 280 13.57 7.74 18.72
N ILE A 281 14.30 8.39 17.82
CA ILE A 281 13.99 9.76 17.39
C ILE A 281 13.56 9.72 15.92
N ARG A 282 12.56 10.53 15.60
CA ARG A 282 12.06 10.66 14.24
C ARG A 282 12.84 11.74 13.49
N ASP A 283 13.22 11.42 12.26
CA ASP A 283 13.94 12.37 11.41
C ASP A 283 12.91 13.31 10.78
N ILE A 284 12.77 14.49 11.37
CA ILE A 284 11.82 15.49 10.88
C ILE A 284 12.53 16.57 10.05
N VAL A 285 13.73 16.28 9.55
CA VAL A 285 14.50 17.26 8.78
C VAL A 285 14.40 16.95 7.29
N ASN A 286 15.03 15.85 6.87
CA ASN A 286 14.98 15.41 5.47
C ASN A 286 13.53 15.14 5.09
N PRO A 287 12.96 15.93 4.18
CA PRO A 287 11.53 15.80 3.89
C PRO A 287 11.12 14.43 3.36
N HIS A 288 12.01 13.72 2.66
CA HIS A 288 11.67 12.39 2.18
C HIS A 288 11.67 11.38 3.32
N ALA A 289 12.65 11.47 4.22
CA ALA A 289 12.63 10.63 5.41
C ALA A 289 11.42 10.95 6.28
N TYR A 290 11.08 12.23 6.42
CA TYR A 290 9.95 12.62 7.24
C TYR A 290 8.63 12.15 6.64
N LYS A 291 8.48 12.26 5.31
CA LYS A 291 7.23 11.88 4.69
C LYS A 291 7.01 10.38 4.65
N ASN A 292 8.03 9.57 4.89
CA ASN A 292 7.91 8.12 4.89
C ASN A 292 8.07 7.50 6.27
N ASN A 293 8.05 8.32 7.33
CA ASN A 293 8.08 7.85 8.71
C ASN A 293 9.31 7.00 8.99
N LYS A 294 10.48 7.55 8.66
CA LYS A 294 11.75 6.90 8.98
C LYS A 294 12.16 7.22 10.41
N TRP A 295 12.46 6.18 11.19
CA TRP A 295 12.86 6.31 12.58
C TRP A 295 14.28 5.79 12.77
N TYR A 296 14.93 6.24 13.84
CA TYR A 296 16.30 5.85 14.12
C TYR A 296 16.52 5.61 15.61
N LEU A 297 17.28 4.57 15.91
CA LEU A 297 17.67 4.25 17.28
C LEU A 297 18.99 4.94 17.59
N PHE A 298 18.97 5.87 18.53
CA PHE A 298 20.18 6.55 19.01
C PHE A 298 20.61 5.88 20.31
N ASN A 299 21.65 5.07 20.22
CA ASN A 299 22.18 4.41 21.44
C ASN A 299 23.66 4.79 21.55
N ASP A 300 23.93 5.85 22.29
CA ASP A 300 25.28 6.34 22.54
C ASP A 300 26.05 6.56 21.24
N ALA A 301 27.14 5.83 21.07
CA ALA A 301 27.99 5.95 19.89
C ALA A 301 27.42 5.22 18.67
N GLU A 302 26.18 4.76 18.74
CA GLU A 302 25.61 3.90 17.70
C GLU A 302 24.25 4.44 17.31
N VAL A 303 24.08 4.77 16.03
CA VAL A 303 22.77 5.11 15.47
C VAL A 303 22.49 4.14 14.33
N LYS A 304 21.29 3.57 14.34
CA LYS A 304 20.85 2.56 13.39
C LYS A 304 19.42 2.89 12.97
N PRO A 305 19.01 2.50 11.76
CA PRO A 305 17.62 2.70 11.38
C PRO A 305 16.69 1.84 12.22
N PHE A 306 15.48 2.32 12.44
CA PHE A 306 14.54 1.66 13.33
C PHE A 306 13.18 1.51 12.63
N ASP A 307 12.66 0.29 12.64
CA ASP A 307 11.38 -0.02 12.02
C ASP A 307 10.27 0.36 13.00
N SER A 308 9.49 1.38 12.67
CA SER A 308 8.45 1.88 13.56
C SER A 308 7.36 0.85 13.86
N ALA A 309 7.38 -0.31 13.19
CA ALA A 309 6.45 -1.36 13.53
C ALA A 309 6.69 -1.87 14.95
N GLN A 310 7.94 -1.82 15.42
CA GLN A 310 8.28 -2.28 16.76
C GLN A 310 8.36 -1.16 17.78
N LEU A 311 7.72 -0.02 17.51
CA LEU A 311 7.61 1.01 18.53
C LEU A 311 6.86 0.48 19.75
N ALA A 312 5.72 -0.15 19.53
CA ALA A 312 4.91 -0.64 20.63
C ALA A 312 5.68 -1.60 21.51
N SER A 313 6.33 -2.60 20.91
CA SER A 313 7.08 -3.57 21.69
C SER A 313 8.19 -2.91 22.48
N GLU A 314 8.93 -2.00 21.84
CA GLU A 314 10.16 -1.46 22.42
C GLU A 314 9.90 -0.38 23.47
N CYS A 315 8.70 0.19 23.52
CA CYS A 315 8.45 1.35 24.37
C CYS A 315 7.26 1.20 25.31
N PHE A 316 6.34 0.26 25.08
CA PHE A 316 5.08 0.25 25.79
C PHE A 316 5.13 -0.56 27.09
N GLY A 317 6.09 -1.46 27.23
CA GLY A 317 6.15 -2.30 28.41
C GLY A 317 5.30 -3.54 28.26
N GLY A 318 4.81 -4.04 29.40
CA GLY A 318 4.02 -5.24 29.42
C GLY A 318 4.85 -6.49 29.67
N GLU A 319 4.41 -7.62 29.14
CA GLU A 319 5.08 -8.89 29.31
C GLU A 319 5.48 -9.48 27.97
N MET A 320 6.64 -10.13 27.94
CA MET A 320 7.13 -10.88 26.79
C MET A 320 7.18 -12.36 27.15
N THR A 321 7.35 -13.20 26.13
CA THR A 321 7.15 -14.63 26.28
C THR A 321 8.40 -15.47 26.03
N THR A 322 9.12 -15.22 24.94
CA THR A 322 10.26 -16.04 24.52
C THR A 322 9.89 -17.52 24.40
N LYS A 323 10.90 -18.38 24.24
CA LYS A 323 10.72 -19.82 24.20
C LYS A 323 11.89 -20.49 24.91
N THR A 324 12.12 -20.07 26.16
CA THR A 324 13.29 -20.47 26.92
C THR A 324 13.44 -21.98 27.09
N TYR A 325 14.29 -22.58 26.26
CA TYR A 325 14.89 -23.90 26.43
C TYR A 325 15.53 -24.26 25.08
N ASP A 334 9.24 -21.86 27.07
CA ASP A 334 8.08 -21.01 27.29
C ASP A 334 8.01 -20.53 28.74
N PHE A 335 8.29 -19.24 28.95
CA PHE A 335 8.13 -18.62 30.25
C PHE A 335 8.08 -17.10 30.07
N SER A 336 7.10 -16.46 30.69
CA SER A 336 6.79 -15.06 30.43
C SER A 336 7.22 -14.19 31.61
N PHE A 337 8.05 -13.19 31.34
CA PHE A 337 8.55 -12.23 32.31
C PHE A 337 7.97 -10.85 32.01
N GLU A 338 8.36 -9.87 32.83
CA GLU A 338 7.97 -8.48 32.62
C GLU A 338 9.06 -7.72 31.89
N LYS A 339 8.65 -6.85 30.97
CA LYS A 339 9.58 -6.05 30.18
C LYS A 339 10.15 -4.92 31.04
N THR A 340 11.47 -4.94 31.24
CA THR A 340 12.12 -3.89 32.01
C THR A 340 12.65 -2.76 31.15
N HIS A 341 12.28 -2.71 29.87
CA HIS A 341 12.65 -1.61 28.98
C HIS A 341 11.37 -0.96 28.47
N SER A 342 11.23 0.33 28.77
CA SER A 342 10.00 1.05 28.41
C SER A 342 10.30 2.54 28.38
N ALA A 343 9.35 3.30 27.83
CA ALA A 343 9.54 4.72 27.60
C ALA A 343 9.53 5.50 28.92
N TYR A 344 10.57 6.29 29.13
CA TYR A 344 10.61 7.21 30.26
C TYR A 344 10.25 8.64 29.87
N MET A 345 10.31 8.98 28.58
CA MET A 345 10.08 10.35 28.16
C MET A 345 9.62 10.35 26.70
N LEU A 346 8.55 11.09 26.42
CA LEU A 346 7.99 11.19 25.08
C LEU A 346 8.15 12.61 24.55
N PHE A 347 8.36 12.74 23.25
CA PHE A 347 8.56 14.03 22.61
C PHE A 347 7.59 14.15 21.43
N TYR A 348 6.70 15.15 21.51
CA TYR A 348 5.73 15.45 20.47
C TYR A 348 5.97 16.85 19.92
N LYS A 349 5.89 17.00 18.61
CA LYS A 349 5.94 18.30 17.96
C LYS A 349 4.54 18.69 17.51
N ARG A 350 4.18 19.96 17.77
CA ARG A 350 2.88 20.46 17.33
C ARG A 350 2.78 20.40 15.81
N MET A 351 1.56 20.53 15.31
CA MET A 351 1.27 20.40 13.88
C MET A 351 0.98 21.77 13.28
N GLU A 352 1.24 21.89 11.99
CA GLU A 352 1.03 23.15 11.27
C GLU A 352 0.35 22.91 9.94
N GLU A 360 12.70 20.91 4.42
CA GLU A 360 13.97 21.28 3.83
C GLU A 360 14.57 22.50 4.55
N TYR A 361 15.41 22.22 5.54
CA TYR A 361 15.90 23.25 6.44
C TYR A 361 17.28 23.75 6.00
N LYS A 362 17.45 25.06 6.06
CA LYS A 362 18.73 25.70 5.81
C LYS A 362 19.28 26.16 7.16
N PHE A 363 20.38 25.53 7.60
CA PHE A 363 21.04 25.92 8.83
C PHE A 363 22.18 26.88 8.54
N ASP A 364 22.27 27.94 9.34
CA ASP A 364 23.33 28.94 9.24
C ASP A 364 24.30 28.68 10.38
N VAL A 365 25.42 28.04 10.06
CA VAL A 365 26.42 27.65 11.04
C VAL A 365 27.70 28.43 10.79
N SER A 366 28.41 28.74 11.87
CA SER A 366 29.59 29.59 11.81
C SER A 366 30.63 29.00 10.86
N SER A 367 30.95 29.73 9.79
CA SER A 367 31.84 29.21 8.75
C SER A 367 33.19 28.80 9.30
N GLU A 368 33.67 29.50 10.34
CA GLU A 368 34.89 29.07 11.01
C GLU A 368 34.76 27.65 11.53
N LEU A 369 33.57 27.30 12.04
CA LEU A 369 33.35 25.94 12.55
C LEU A 369 33.30 24.93 11.42
N LEU A 370 32.75 25.30 10.26
CA LEU A 370 32.64 24.36 9.15
C LEU A 370 34.02 23.95 8.64
N GLU A 371 34.96 24.89 8.60
CA GLU A 371 36.31 24.57 8.16
C GLU A 371 37.02 23.68 9.16
N TRP A 372 36.75 23.87 10.45
CA TRP A 372 37.15 22.92 11.49
C TRP A 372 36.75 21.51 11.11
N ILE A 373 35.45 21.28 10.96
CA ILE A 373 34.93 19.95 10.63
C ILE A 373 35.44 19.49 9.28
N TRP A 374 35.67 20.44 8.36
CA TRP A 374 36.14 20.08 7.02
C TRP A 374 37.55 19.51 7.06
N HIS A 375 38.44 20.16 7.83
CA HIS A 375 39.81 19.68 7.98
C HIS A 375 39.83 18.24 8.49
N ASP A 376 39.07 17.98 9.56
CA ASP A 376 39.03 16.64 10.15
C ASP A 376 38.41 15.63 9.18
N ASN A 377 37.36 16.05 8.46
CA ASN A 377 36.67 15.13 7.56
C ASN A 377 37.59 14.58 6.48
N MET A 378 38.65 15.32 6.12
CA MET A 378 39.43 14.98 4.94
C MET A 378 40.14 13.63 5.09
N GLN A 379 40.48 13.23 6.32
CA GLN A 379 41.15 11.95 6.49
C GLN A 379 40.23 10.78 6.22
N PHE A 380 38.93 10.93 6.45
CA PHE A 380 37.96 9.86 6.23
C PHE A 380 37.00 10.22 5.11
N ARG B 4 5.45 -24.01 4.65
CA ARG B 4 5.45 -22.70 5.30
C ARG B 4 4.09 -22.00 5.20
N PHE B 5 3.84 -21.36 4.06
CA PHE B 5 2.60 -20.64 3.80
C PHE B 5 2.08 -21.03 2.43
N VAL B 6 0.80 -21.36 2.33
CA VAL B 6 0.19 -21.84 1.10
C VAL B 6 -0.47 -20.68 0.38
N GLY B 7 -0.27 -20.60 -0.94
CA GLY B 7 -0.84 -19.55 -1.75
C GLY B 7 -2.03 -20.02 -2.56
N LEU B 8 -2.44 -19.17 -3.50
CA LEU B 8 -3.64 -19.40 -4.30
C LEU B 8 -3.32 -19.23 -5.78
N THR B 9 -3.50 -20.29 -6.55
CA THR B 9 -3.22 -20.25 -7.98
C THR B 9 -4.19 -19.30 -8.68
N ASN B 10 -3.65 -18.49 -9.59
CA ASN B 10 -4.46 -17.56 -10.36
C ASN B 10 -5.21 -18.31 -11.46
N LEU B 11 -6.52 -18.07 -11.55
CA LEU B 11 -7.36 -18.68 -12.57
C LEU B 11 -7.41 -17.86 -13.85
N GLY B 12 -6.81 -16.69 -13.88
CA GLY B 12 -6.85 -15.79 -15.01
C GLY B 12 -6.84 -14.35 -14.55
N ALA B 13 -7.94 -13.93 -13.91
CA ALA B 13 -8.03 -12.62 -13.26
C ALA B 13 -8.61 -12.79 -11.86
N THR B 14 -7.98 -13.64 -11.06
CA THR B 14 -8.46 -13.95 -9.72
C THR B 14 -7.36 -13.66 -8.71
N CYS B 15 -7.09 -12.37 -8.52
CA CYS B 15 -6.18 -11.86 -7.50
C CYS B 15 -6.92 -11.10 -6.42
N TYR B 16 -7.93 -10.31 -6.82
CA TYR B 16 -8.81 -9.70 -5.84
C TYR B 16 -9.43 -10.76 -4.94
N LEU B 17 -9.56 -11.98 -5.45
CA LEU B 17 -10.02 -13.09 -4.63
C LEU B 17 -8.90 -13.59 -3.73
N ALA B 18 -7.69 -13.76 -4.29
CA ALA B 18 -6.57 -14.24 -3.50
C ALA B 18 -6.23 -13.28 -2.37
N SER B 19 -6.06 -12.00 -2.70
CA SER B 19 -5.78 -10.99 -1.67
C SER B 19 -6.91 -10.85 -0.66
N THR B 20 -8.10 -11.37 -0.95
CA THR B 20 -9.18 -11.37 0.03
C THR B 20 -9.19 -12.66 0.85
N ILE B 21 -9.10 -13.81 0.19
CA ILE B 21 -9.08 -15.08 0.91
C ILE B 21 -7.86 -15.17 1.82
N GLN B 22 -6.71 -14.66 1.34
CA GLN B 22 -5.50 -14.71 2.14
C GLN B 22 -5.62 -13.86 3.40
N GLN B 23 -6.28 -12.70 3.30
CA GLN B 23 -6.39 -11.83 4.45
C GLN B 23 -7.41 -12.35 5.46
N LEU B 24 -8.57 -12.82 4.98
CA LEU B 24 -9.55 -13.43 5.87
C LEU B 24 -8.94 -14.63 6.61
N TYR B 25 -8.19 -15.46 5.88
CA TYR B 25 -7.58 -16.63 6.50
C TYR B 25 -6.53 -16.24 7.54
N MET B 26 -5.91 -15.08 7.39
CA MET B 26 -4.89 -14.65 8.33
C MET B 26 -5.46 -13.93 9.56
N ILE B 27 -6.74 -13.59 9.53
CA ILE B 27 -7.46 -13.14 10.72
C ILE B 27 -8.01 -14.39 11.42
N PRO B 28 -7.46 -14.79 12.57
CA PRO B 28 -7.86 -16.09 13.14
C PRO B 28 -9.32 -16.15 13.55
N GLU B 29 -9.83 -15.08 14.16
CA GLU B 29 -11.23 -15.05 14.59
C GLU B 29 -12.16 -15.38 13.44
N ALA B 30 -11.90 -14.83 12.25
CA ALA B 30 -12.69 -15.19 11.08
C ALA B 30 -12.39 -16.61 10.63
N ARG B 31 -11.12 -17.02 10.70
CA ARG B 31 -10.75 -18.37 10.25
C ARG B 31 -11.45 -19.43 11.10
N GLN B 32 -11.54 -19.20 12.41
CA GLN B 32 -12.33 -20.11 13.26
C GLN B 32 -13.81 -20.01 12.95
N ALA B 33 -14.30 -18.80 12.70
CA ALA B 33 -15.72 -18.62 12.41
C ALA B 33 -16.15 -19.44 11.20
N VAL B 34 -15.29 -19.51 10.18
CA VAL B 34 -15.60 -20.33 9.01
C VAL B 34 -15.40 -21.81 9.35
N PHE B 35 -14.44 -22.12 10.22
CA PHE B 35 -14.14 -23.51 10.54
C PHE B 35 -15.32 -24.19 11.25
N THR B 36 -15.99 -23.47 12.14
CA THR B 36 -17.01 -24.05 13.00
C THR B 36 -18.41 -23.54 12.68
N ALA B 37 -18.71 -23.34 11.39
CA ALA B 37 -20.04 -22.90 10.99
C ALA B 37 -21.03 -24.06 11.02
N LYS B 38 -22.21 -23.79 11.56
CA LYS B 38 -23.27 -24.78 11.63
C LYS B 38 -24.07 -24.77 10.32
N TYR B 39 -24.74 -25.89 10.05
CA TYR B 39 -25.38 -26.11 8.77
C TYR B 39 -26.89 -26.24 8.90
N SER B 40 -27.59 -25.71 7.91
CA SER B 40 -29.01 -25.96 7.70
C SER B 40 -29.19 -26.76 6.42
N GLU B 41 -30.39 -27.33 6.27
CA GLU B 41 -30.79 -27.83 4.96
C GLU B 41 -30.75 -26.71 3.92
N ASP B 42 -31.52 -25.66 4.16
CA ASP B 42 -31.66 -24.57 3.20
C ASP B 42 -31.18 -23.25 3.79
N MET B 43 -29.99 -23.25 4.39
CA MET B 43 -29.26 -22.01 4.60
C MET B 43 -28.86 -21.43 3.26
N LYS B 44 -28.51 -20.14 3.26
CA LYS B 44 -28.12 -19.49 2.03
C LYS B 44 -26.63 -19.64 1.80
N HIS B 45 -26.24 -19.71 0.52
CA HIS B 45 -24.84 -19.84 0.11
C HIS B 45 -24.22 -21.11 0.66
N LYS B 46 -25.03 -22.16 0.79
CA LYS B 46 -24.59 -23.40 1.41
C LYS B 46 -23.37 -24.00 0.72
N THR B 47 -23.35 -23.96 -0.61
CA THR B 47 -22.24 -24.57 -1.35
C THR B 47 -20.96 -23.76 -1.19
N THR B 48 -21.06 -22.42 -1.22
CA THR B 48 -19.87 -21.60 -1.12
C THR B 48 -19.23 -21.70 0.25
N LEU B 49 -20.05 -21.80 1.31
CA LEU B 49 -19.51 -22.00 2.64
C LEU B 49 -18.73 -23.31 2.74
N LEU B 50 -19.11 -24.31 1.96
CA LEU B 50 -18.37 -25.56 1.93
C LEU B 50 -16.98 -25.36 1.33
N GLU B 51 -16.91 -24.81 0.12
CA GLU B 51 -15.62 -24.60 -0.53
C GLU B 51 -14.76 -23.63 0.25
N LEU B 52 -15.38 -22.64 0.91
CA LEU B 52 -14.62 -21.74 1.77
C LEU B 52 -13.95 -22.50 2.91
N GLN B 53 -14.60 -23.55 3.41
CA GLN B 53 -14.00 -24.37 4.46
C GLN B 53 -12.90 -25.25 3.88
N LYS B 54 -13.15 -25.86 2.73
CA LYS B 54 -12.13 -26.65 2.05
C LYS B 54 -10.88 -25.79 1.80
N MET B 55 -11.09 -24.52 1.46
CA MET B 55 -9.97 -23.61 1.20
C MET B 55 -9.15 -23.39 2.46
N PHE B 56 -9.79 -22.93 3.54
CA PHE B 56 -9.07 -22.64 4.78
C PHE B 56 -8.32 -23.86 5.30
N THR B 57 -8.99 -25.02 5.29
CA THR B 57 -8.33 -26.25 5.72
C THR B 57 -7.09 -26.53 4.88
N TYR B 58 -7.23 -26.41 3.56
CA TYR B 58 -6.08 -26.62 2.67
C TYR B 58 -5.00 -25.59 2.95
N LEU B 59 -5.38 -24.33 3.15
CA LEU B 59 -4.39 -23.29 3.41
C LEU B 59 -3.63 -23.56 4.70
N MET B 60 -4.31 -24.12 5.70
CA MET B 60 -3.68 -24.32 7.01
C MET B 60 -2.80 -25.56 7.02
N GLU B 61 -3.24 -26.65 6.43
CA GLU B 61 -2.65 -27.96 6.68
C GLU B 61 -2.04 -28.64 5.47
N SER B 62 -2.17 -28.07 4.27
CA SER B 62 -1.63 -28.73 3.09
C SER B 62 -0.12 -28.56 3.02
N GLU B 63 0.57 -29.65 2.69
CA GLU B 63 2.00 -29.59 2.44
C GLU B 63 2.31 -29.17 1.01
N CYS B 64 1.29 -28.83 0.23
CA CYS B 64 1.47 -28.34 -1.13
C CYS B 64 1.88 -26.87 -1.12
N LYS B 65 2.24 -26.37 -2.30
CA LYS B 65 2.65 -24.97 -2.41
C LYS B 65 1.45 -24.03 -2.50
N ALA B 66 0.47 -24.37 -3.34
CA ALA B 66 -0.66 -23.49 -3.58
C ALA B 66 -1.93 -24.29 -3.82
N TYR B 67 -3.06 -23.69 -3.47
CA TYR B 67 -4.37 -24.29 -3.60
C TYR B 67 -5.04 -23.77 -4.86
N ASN B 68 -5.73 -24.65 -5.57
CA ASN B 68 -6.47 -24.25 -6.77
C ASN B 68 -7.87 -23.81 -6.37
N PRO B 69 -8.18 -22.51 -6.41
CA PRO B 69 -9.50 -22.04 -5.94
C PRO B 69 -10.63 -22.28 -6.93
N ARG B 70 -10.38 -23.07 -7.98
CA ARG B 70 -11.40 -23.40 -8.98
C ARG B 70 -12.75 -23.79 -8.41
N PRO B 71 -12.88 -24.72 -7.45
CA PRO B 71 -14.22 -25.07 -6.97
C PRO B 71 -14.89 -23.94 -6.20
N PHE B 72 -14.12 -23.12 -5.49
CA PHE B 72 -14.70 -21.94 -4.85
C PHE B 72 -15.31 -20.99 -5.89
N CYS B 73 -14.74 -20.96 -7.09
CA CYS B 73 -15.13 -19.96 -8.07
C CYS B 73 -16.37 -20.38 -8.85
N LYS B 74 -16.48 -21.67 -9.19
CA LYS B 74 -17.61 -22.14 -10.00
C LYS B 74 -18.92 -21.96 -9.25
N THR B 75 -18.95 -22.31 -7.96
CA THR B 75 -20.16 -22.17 -7.16
C THR B 75 -20.47 -20.72 -6.81
N TYR B 76 -19.48 -19.84 -6.86
CA TYR B 76 -19.66 -18.48 -6.36
C TYR B 76 -20.55 -17.67 -7.29
N THR B 77 -21.49 -16.92 -6.70
CA THR B 77 -22.38 -16.04 -7.42
C THR B 77 -22.06 -14.60 -7.03
N MET B 78 -21.60 -13.81 -8.00
CA MET B 78 -21.37 -12.38 -7.79
C MET B 78 -22.68 -11.61 -8.02
N ASP B 79 -23.68 -11.98 -7.22
CA ASP B 79 -25.04 -11.45 -7.31
C ASP B 79 -25.70 -11.79 -8.65
N LYS B 80 -25.07 -11.41 -9.75
CA LYS B 80 -25.67 -11.59 -11.07
C LYS B 80 -25.52 -13.03 -11.56
N GLN B 81 -24.34 -13.38 -12.07
CA GLN B 81 -24.10 -14.68 -12.70
C GLN B 81 -22.91 -15.35 -12.03
N PRO B 82 -22.55 -16.58 -12.39
CA PRO B 82 -21.35 -17.21 -11.80
C PRO B 82 -20.10 -16.39 -12.05
N LEU B 83 -19.06 -16.71 -11.29
CA LEU B 83 -17.84 -15.93 -11.28
C LEU B 83 -17.09 -16.07 -12.60
N ASN B 84 -16.93 -14.96 -13.31
CA ASN B 84 -16.09 -14.90 -14.51
C ASN B 84 -14.64 -14.93 -14.08
N THR B 85 -14.00 -16.09 -14.19
CA THR B 85 -12.59 -16.22 -13.82
C THR B 85 -11.64 -15.52 -14.78
N GLY B 86 -12.14 -14.62 -15.63
CA GLY B 86 -11.30 -13.84 -16.52
C GLY B 86 -11.57 -12.35 -16.41
N GLU B 87 -12.62 -11.98 -15.69
CA GLU B 87 -12.97 -10.59 -15.46
C GLU B 87 -12.25 -10.09 -14.21
N GLN B 88 -11.64 -8.91 -14.31
CA GLN B 88 -10.94 -8.31 -13.18
C GLN B 88 -11.91 -7.47 -12.35
N LYS B 89 -12.11 -7.85 -11.09
CA LYS B 89 -13.02 -7.15 -10.20
C LYS B 89 -12.26 -6.19 -9.29
N ASP B 90 -13.02 -5.34 -8.61
CA ASP B 90 -12.48 -4.47 -7.59
C ASP B 90 -12.38 -5.25 -6.28
N MET B 91 -11.20 -5.19 -5.65
CA MET B 91 -10.95 -6.03 -4.48
C MET B 91 -11.93 -5.70 -3.34
N THR B 92 -12.05 -4.41 -3.00
CA THR B 92 -12.96 -4.03 -1.93
C THR B 92 -14.41 -4.30 -2.30
N GLU B 93 -14.75 -4.32 -3.58
CA GLU B 93 -16.07 -4.76 -4.00
C GLU B 93 -16.28 -6.23 -3.69
N PHE B 94 -15.24 -7.05 -3.88
CA PHE B 94 -15.37 -8.49 -3.64
C PHE B 94 -15.46 -8.79 -2.15
N PHE B 95 -14.53 -8.22 -1.36
CA PHE B 95 -14.58 -8.28 0.09
C PHE B 95 -15.98 -8.01 0.62
N THR B 96 -16.54 -6.84 0.26
CA THR B 96 -17.88 -6.49 0.70
C THR B 96 -18.90 -7.54 0.28
N ASP B 97 -18.73 -8.12 -0.91
CA ASP B 97 -19.64 -9.15 -1.37
C ASP B 97 -19.47 -10.44 -0.56
N LEU B 98 -18.23 -10.88 -0.35
CA LEU B 98 -18.01 -12.11 0.41
C LEU B 98 -18.37 -11.93 1.88
N ILE B 99 -18.10 -10.75 2.44
CA ILE B 99 -18.49 -10.47 3.81
C ILE B 99 -20.01 -10.41 3.93
N THR B 100 -20.70 -10.00 2.85
CA THR B 100 -22.16 -9.97 2.86
C THR B 100 -22.75 -11.38 2.78
N LYS B 101 -22.16 -12.25 1.96
CA LYS B 101 -22.58 -13.65 1.93
C LYS B 101 -22.54 -14.28 3.31
N ILE B 102 -21.33 -14.34 3.90
CA ILE B 102 -21.14 -14.97 5.20
C ILE B 102 -22.08 -14.38 6.24
N GLU B 103 -22.33 -13.07 6.14
CA GLU B 103 -23.29 -12.42 7.04
C GLU B 103 -24.68 -13.04 6.94
N GLU B 104 -25.01 -13.65 5.80
CA GLU B 104 -26.38 -14.10 5.55
C GLU B 104 -26.56 -15.61 5.71
N MET B 105 -25.48 -16.38 5.85
CA MET B 105 -25.60 -17.83 5.91
C MET B 105 -26.35 -18.28 7.16
N SER B 106 -26.16 -17.59 8.28
CA SER B 106 -26.61 -18.07 9.58
C SER B 106 -26.69 -16.89 10.53
N PRO B 107 -27.45 -17.00 11.63
CA PRO B 107 -27.54 -15.87 12.57
C PRO B 107 -26.28 -15.66 13.37
N GLU B 108 -25.50 -16.72 13.64
CA GLU B 108 -24.28 -16.56 14.41
C GLU B 108 -23.18 -15.90 13.57
N LEU B 109 -23.02 -16.37 12.33
CA LEU B 109 -22.10 -15.70 11.41
C LEU B 109 -22.51 -14.24 11.21
N LYS B 110 -23.82 -13.99 11.11
CA LYS B 110 -24.31 -12.62 11.00
C LYS B 110 -23.82 -11.77 12.16
N ASN B 111 -23.80 -12.34 13.37
CA ASN B 111 -23.30 -11.60 14.53
C ASN B 111 -21.79 -11.66 14.63
N THR B 112 -21.18 -12.75 14.16
CA THR B 112 -19.72 -12.79 14.04
C THR B 112 -19.23 -11.68 13.13
N VAL B 113 -19.76 -11.62 11.92
CA VAL B 113 -19.35 -10.60 10.95
C VAL B 113 -19.61 -9.20 11.48
N LYS B 114 -20.83 -8.97 12.00
CA LYS B 114 -21.23 -7.63 12.40
C LYS B 114 -20.37 -7.06 13.51
N SER B 115 -19.73 -7.90 14.33
CA SER B 115 -18.80 -7.43 15.35
C SER B 115 -17.36 -7.49 14.90
N LEU B 116 -17.00 -8.46 14.05
CA LEU B 116 -15.61 -8.63 13.64
C LEU B 116 -15.20 -7.56 12.62
N PHE B 117 -16.11 -7.19 11.72
CA PHE B 117 -15.78 -6.32 10.60
C PHE B 117 -16.61 -5.06 10.52
N GLY B 118 -17.68 -4.94 11.29
CA GLY B 118 -18.64 -3.87 11.15
C GLY B 118 -18.68 -2.98 12.38
N GLY B 119 -18.60 -1.67 12.14
CA GLY B 119 -18.79 -0.67 13.16
C GLY B 119 -20.04 0.16 12.92
N VAL B 120 -20.20 1.18 13.75
CA VAL B 120 -21.34 2.09 13.65
C VAL B 120 -20.82 3.52 13.73
N ILE B 121 -21.11 4.31 12.69
CA ILE B 121 -20.79 5.72 12.62
C ILE B 121 -22.06 6.52 12.83
N THR B 122 -21.99 7.56 13.65
CA THR B 122 -23.12 8.43 13.94
C THR B 122 -22.80 9.84 13.44
N ASN B 123 -23.70 10.41 12.66
CA ASN B 123 -23.53 11.76 12.13
C ASN B 123 -24.76 12.60 12.44
N ASN B 124 -24.56 13.67 13.19
CA ASN B 124 -25.60 14.65 13.47
C ASN B 124 -25.62 15.70 12.37
N VAL B 125 -26.75 16.41 12.29
CA VAL B 125 -26.90 17.56 11.40
C VAL B 125 -27.57 18.67 12.20
N VAL B 126 -26.78 19.63 12.65
CA VAL B 126 -27.31 20.81 13.31
C VAL B 126 -27.48 21.88 12.24
N SER B 127 -28.55 22.65 12.33
CA SER B 127 -28.78 23.72 11.37
C SER B 127 -28.52 25.09 11.98
N LEU B 128 -28.21 26.04 11.10
CA LEU B 128 -27.90 27.40 11.54
C LEU B 128 -29.16 28.25 11.68
N ASP B 129 -30.13 28.06 10.78
CA ASP B 129 -31.36 28.86 10.80
C ASP B 129 -32.09 28.70 12.12
N CYS B 130 -32.61 27.50 12.37
CA CYS B 130 -33.49 27.23 13.50
C CYS B 130 -32.66 26.81 14.71
N GLU B 131 -33.31 26.20 15.70
CA GLU B 131 -32.65 25.77 16.92
C GLU B 131 -32.43 24.27 16.99
N HIS B 132 -33.25 23.48 16.29
CA HIS B 132 -33.28 22.04 16.48
C HIS B 132 -32.35 21.32 15.52
N VAL B 133 -32.07 20.05 15.85
CA VAL B 133 -31.06 19.24 15.21
C VAL B 133 -31.66 17.88 14.89
N SER B 134 -30.82 16.98 14.37
CA SER B 134 -31.17 15.58 14.20
C SER B 134 -29.91 14.75 14.39
N GLN B 135 -30.08 13.52 14.85
CA GLN B 135 -28.96 12.61 15.07
C GLN B 135 -29.29 11.27 14.48
N THR B 136 -28.68 10.95 13.34
CA THR B 136 -28.86 9.67 12.68
C THR B 136 -27.80 8.69 13.21
N ALA B 137 -27.75 7.50 12.63
CA ALA B 137 -26.73 6.51 12.93
C ALA B 137 -26.70 5.43 11.85
N GLU B 138 -25.58 5.28 11.16
CA GLU B 138 -25.47 4.31 10.08
C GLU B 138 -24.34 3.35 10.35
N GLU B 139 -24.48 2.13 9.82
CA GLU B 139 -23.52 1.07 9.99
C GLU B 139 -22.51 1.10 8.85
N PHE B 140 -21.37 0.45 9.08
CA PHE B 140 -20.33 0.39 8.05
C PHE B 140 -19.50 -0.87 8.25
N TYR B 141 -18.83 -1.29 7.18
CA TYR B 141 -17.87 -2.38 7.22
C TYR B 141 -16.45 -1.89 7.02
N THR B 142 -16.23 -1.10 5.97
CA THR B 142 -14.96 -0.40 5.73
C THR B 142 -15.27 1.07 5.54
N VAL B 143 -14.42 1.93 6.09
CA VAL B 143 -14.56 3.37 5.85
C VAL B 143 -13.71 3.74 4.65
N ARG B 144 -14.05 4.87 4.03
CA ARG B 144 -13.57 5.20 2.68
C ARG B 144 -12.69 6.45 2.76
N CYS B 145 -11.38 6.23 2.67
CA CYS B 145 -10.38 7.27 2.84
C CYS B 145 -10.04 7.93 1.52
N GLN B 146 -10.12 9.25 1.48
CA GLN B 146 -9.66 9.99 0.31
C GLN B 146 -8.14 10.07 0.32
N VAL B 147 -7.55 9.97 -0.86
CA VAL B 147 -6.11 10.04 -1.04
C VAL B 147 -5.70 11.25 -1.85
N ALA B 148 -6.43 11.57 -2.90
CA ALA B 148 -6.14 12.74 -3.71
C ALA B 148 -6.24 14.00 -2.87
N ASP B 149 -5.15 14.77 -2.84
CA ASP B 149 -4.99 15.99 -2.05
C ASP B 149 -4.89 15.71 -0.56
N MET B 150 -4.67 14.45 -0.16
CA MET B 150 -4.52 14.09 1.24
C MET B 150 -3.10 13.58 1.47
N LYS B 151 -2.46 14.04 2.54
CA LYS B 151 -1.10 13.62 2.82
C LYS B 151 -1.04 12.27 3.50
N ASN B 152 -2.01 11.95 4.34
CA ASN B 152 -1.99 10.72 5.13
C ASN B 152 -3.40 10.40 5.61
N ILE B 153 -3.54 9.23 6.22
CA ILE B 153 -4.85 8.77 6.65
C ILE B 153 -5.43 9.65 7.75
N TYR B 154 -4.58 10.40 8.46
CA TYR B 154 -5.09 11.33 9.45
C TYR B 154 -5.89 12.44 8.79
N GLU B 155 -5.30 13.12 7.81
CA GLU B 155 -6.05 14.09 7.02
C GLU B 155 -7.28 13.46 6.38
N SER B 156 -7.21 12.15 6.08
CA SER B 156 -8.35 11.48 5.49
C SER B 156 -9.47 11.28 6.51
N LEU B 157 -9.12 10.77 7.70
CA LEU B 157 -10.10 10.67 8.78
C LEU B 157 -10.64 12.05 9.15
N ASP B 158 -9.75 13.05 9.17
CA ASP B 158 -10.19 14.43 9.42
C ASP B 158 -11.27 14.86 8.44
N GLU B 159 -11.23 14.35 7.21
CA GLU B 159 -12.25 14.71 6.23
C GLU B 159 -13.54 13.90 6.43
N VAL B 160 -13.40 12.63 6.82
CA VAL B 160 -14.59 11.83 7.12
C VAL B 160 -15.36 12.43 8.28
N THR B 161 -14.66 12.73 9.37
CA THR B 161 -15.28 13.23 10.60
C THR B 161 -15.23 14.75 10.68
N ILE B 162 -15.68 15.44 9.64
CA ILE B 162 -15.64 16.90 9.63
C ILE B 162 -17.02 17.44 9.29
N LYS B 163 -17.27 18.67 9.75
CA LYS B 163 -18.44 19.45 9.37
C LYS B 163 -18.48 19.67 7.87
N ASP B 164 -19.34 18.93 7.17
CA ASP B 164 -19.59 19.15 5.76
C ASP B 164 -20.82 20.04 5.62
N THR B 165 -20.72 21.07 4.78
CA THR B 165 -21.82 22.00 4.56
C THR B 165 -22.61 21.58 3.32
N LEU B 166 -23.89 21.98 3.27
CA LEU B 166 -24.79 21.49 2.25
C LEU B 166 -25.77 22.53 1.69
N GLU B 167 -25.69 23.78 2.13
CA GLU B 167 -26.66 24.85 1.83
C GLU B 167 -26.88 25.17 0.35
N GLY B 168 -26.38 24.35 -0.56
CA GLY B 168 -26.46 24.69 -1.97
C GLY B 168 -27.83 24.47 -2.57
N ASP B 169 -27.88 23.81 -3.72
CA ASP B 169 -29.16 23.36 -4.21
C ASP B 169 -29.60 22.07 -3.55
N ASN B 170 -28.85 21.74 -2.51
CA ASN B 170 -29.03 20.54 -1.70
C ASN B 170 -29.12 20.91 -0.23
N MET B 171 -29.99 21.87 0.08
CA MET B 171 -30.16 22.31 1.50
C MET B 171 -30.88 21.24 2.32
N TYR B 172 -30.71 21.27 3.64
CA TYR B 172 -31.33 20.24 4.50
C TYR B 172 -32.81 20.53 4.68
N THR B 173 -33.62 19.49 4.55
CA THR B 173 -35.07 19.62 4.71
C THR B 173 -35.41 19.32 6.18
N CYS B 174 -35.38 20.35 7.03
CA CYS B 174 -35.74 20.21 8.44
C CYS B 174 -37.26 20.12 8.52
N SER B 175 -37.76 18.91 8.82
CA SER B 175 -39.20 18.69 8.87
C SER B 175 -39.87 19.62 9.89
N HIS B 176 -39.23 19.77 11.06
CA HIS B 176 -39.82 20.58 12.12
C HIS B 176 -40.15 21.98 11.63
N CYS B 177 -39.19 22.65 11.00
CA CYS B 177 -39.40 24.02 10.52
C CYS B 177 -40.20 24.10 9.23
N GLY B 178 -40.42 22.97 8.56
CA GLY B 178 -41.28 22.90 7.38
C GLY B 178 -40.61 23.24 6.06
N LYS B 179 -39.70 24.20 6.06
CA LYS B 179 -39.01 24.62 4.85
C LYS B 179 -37.64 23.91 4.77
N LYS B 180 -36.82 24.34 3.83
CA LYS B 180 -35.45 23.86 3.71
C LYS B 180 -34.52 24.82 4.46
N VAL B 181 -33.50 24.26 5.09
CA VAL B 181 -32.80 24.94 6.17
C VAL B 181 -31.30 24.69 6.01
N ARG B 182 -30.49 25.74 6.01
CA ARG B 182 -29.05 25.56 5.88
C ARG B 182 -28.52 24.78 7.07
N ALA B 183 -27.66 23.80 6.79
CA ALA B 183 -27.22 22.91 7.85
C ALA B 183 -25.81 22.39 7.53
N GLU B 184 -25.31 21.54 8.43
CA GLU B 184 -23.95 21.05 8.38
C GLU B 184 -23.91 19.68 9.06
N LYS B 185 -23.36 18.68 8.38
CA LYS B 185 -23.41 17.30 8.85
C LYS B 185 -21.99 16.79 9.06
N ARG B 186 -21.58 16.71 10.33
CA ARG B 186 -20.34 16.05 10.70
C ARG B 186 -20.63 14.67 11.25
N ALA B 187 -19.66 13.78 11.13
CA ALA B 187 -19.81 12.38 11.51
C ALA B 187 -18.79 12.00 12.56
N CYS B 188 -19.19 11.09 13.46
CA CYS B 188 -18.31 10.62 14.52
C CYS B 188 -18.07 9.12 14.37
N PHE B 189 -17.70 8.47 15.48
CA PHE B 189 -17.64 7.02 15.53
C PHE B 189 -18.24 6.57 16.85
N LYS B 190 -19.34 5.81 16.78
CA LYS B 190 -19.96 5.25 17.97
C LYS B 190 -19.53 3.82 18.24
N LYS B 191 -19.12 3.09 17.21
CA LYS B 191 -18.67 1.71 17.37
C LYS B 191 -17.66 1.39 16.26
N LEU B 192 -16.53 0.82 16.64
CA LEU B 192 -15.52 0.38 15.70
C LEU B 192 -15.35 -1.13 15.77
N PRO B 193 -15.07 -1.77 14.64
CA PRO B 193 -14.93 -3.22 14.63
C PRO B 193 -13.59 -3.68 15.20
N ARG B 194 -13.48 -4.99 15.42
CA ARG B 194 -12.21 -5.57 15.86
C ARG B 194 -11.15 -5.45 14.77
N ILE B 195 -11.54 -5.65 13.52
CA ILE B 195 -10.67 -5.47 12.36
C ILE B 195 -11.31 -4.38 11.52
N LEU B 196 -10.89 -3.13 11.70
CA LEU B 196 -11.41 -2.08 10.84
C LEU B 196 -10.55 -1.99 9.58
N SER B 197 -11.21 -1.67 8.48
CA SER B 197 -10.59 -1.67 7.16
C SER B 197 -10.76 -0.30 6.51
N PHE B 198 -9.68 0.22 5.94
CA PHE B 198 -9.70 1.48 5.20
C PHE B 198 -9.54 1.18 3.72
N ASN B 199 -10.57 1.50 2.93
CA ASN B 199 -10.43 1.56 1.48
C ASN B 199 -9.97 2.96 1.12
N THR B 200 -8.69 3.09 0.78
CA THR B 200 -8.12 4.38 0.40
C THR B 200 -8.37 4.58 -1.09
N MET B 201 -9.35 5.43 -1.41
CA MET B 201 -9.82 5.61 -2.79
C MET B 201 -8.73 6.27 -3.62
N ARG B 202 -8.00 5.47 -4.39
CA ARG B 202 -6.92 5.97 -5.23
C ARG B 202 -7.38 6.11 -6.68
N TYR B 203 -8.43 6.90 -6.84
CA TYR B 203 -8.93 7.26 -8.15
C TYR B 203 -9.62 8.60 -8.05
N THR B 204 -9.68 9.29 -9.18
CA THR B 204 -10.46 10.52 -9.29
C THR B 204 -11.08 10.53 -10.68
N PHE B 205 -12.34 10.94 -10.76
CA PHE B 205 -13.06 10.93 -12.03
C PHE B 205 -12.93 12.32 -12.64
N ASN B 206 -12.03 12.43 -13.62
CA ASN B 206 -11.80 13.71 -14.29
C ASN B 206 -13.06 14.17 -14.99
N MET B 207 -13.56 15.35 -14.59
CA MET B 207 -14.84 15.84 -15.05
C MET B 207 -14.76 16.62 -16.36
N VAL B 208 -13.68 16.48 -17.11
CA VAL B 208 -13.56 17.05 -18.45
C VAL B 208 -13.44 15.96 -19.52
N THR B 209 -12.56 14.98 -19.31
CA THR B 209 -12.44 13.87 -20.26
C THR B 209 -13.46 12.78 -20.00
N MET B 210 -14.17 12.84 -18.86
CA MET B 210 -15.10 11.80 -18.44
C MET B 210 -14.42 10.43 -18.46
N MET B 211 -13.24 10.36 -17.85
CA MET B 211 -12.48 9.13 -17.73
C MET B 211 -11.96 8.99 -16.30
N LYS B 212 -11.95 7.76 -15.81
CA LYS B 212 -11.40 7.50 -14.49
C LYS B 212 -9.88 7.61 -14.53
N GLU B 213 -9.31 8.28 -13.53
CA GLU B 213 -7.86 8.48 -13.44
C GLU B 213 -7.38 7.98 -12.09
N LYS B 214 -6.26 7.24 -12.12
CA LYS B 214 -5.73 6.63 -10.90
C LYS B 214 -4.86 7.63 -10.15
N VAL B 215 -5.22 7.88 -8.89
CA VAL B 215 -4.41 8.76 -8.03
C VAL B 215 -3.21 7.98 -7.52
N ASN B 216 -2.01 8.44 -7.88
CA ASN B 216 -0.78 7.76 -7.49
C ASN B 216 0.10 8.63 -6.61
N THR B 217 -0.46 9.66 -5.98
CA THR B 217 0.31 10.56 -5.15
C THR B 217 0.77 9.85 -3.87
N HIS B 218 1.44 10.59 -3.01
CA HIS B 218 1.97 10.05 -1.77
C HIS B 218 0.89 10.08 -0.70
N PHE B 219 0.80 8.99 0.07
CA PHE B 219 -0.23 8.88 1.09
C PHE B 219 0.23 7.82 2.09
N SER B 220 0.58 8.24 3.30
CA SER B 220 1.15 7.36 4.30
C SER B 220 0.09 6.94 5.31
N PHE B 221 0.28 5.75 5.88
CA PHE B 221 -0.55 5.28 6.98
C PHE B 221 0.35 4.85 8.12
N PRO B 222 -0.09 5.03 9.36
CA PRO B 222 0.73 4.63 10.51
C PRO B 222 0.76 3.13 10.67
N LEU B 223 1.83 2.64 11.27
CA LEU B 223 1.92 1.23 11.64
C LEU B 223 1.19 0.92 12.93
N ARG B 224 0.68 1.93 13.63
CA ARG B 224 -0.19 1.70 14.77
C ARG B 224 -1.06 2.94 14.93
N LEU B 225 -2.34 2.80 14.60
CA LEU B 225 -3.29 3.91 14.55
C LEU B 225 -4.14 3.93 15.80
N ASP B 226 -4.41 5.13 16.32
CA ASP B 226 -5.23 5.31 17.51
C ASP B 226 -6.44 6.15 17.11
N MET B 227 -7.60 5.50 17.02
CA MET B 227 -8.81 6.18 16.55
C MET B 227 -9.44 7.10 17.60
N THR B 228 -8.94 7.08 18.83
CA THR B 228 -9.52 7.84 19.95
C THR B 228 -10.02 9.23 19.60
N PRO B 229 -9.28 10.08 18.86
CA PRO B 229 -9.77 11.45 18.61
C PRO B 229 -11.03 11.53 17.75
N TYR B 230 -11.45 10.45 17.09
CA TYR B 230 -12.60 10.48 16.21
C TYR B 230 -13.82 9.76 16.76
N THR B 231 -13.75 9.24 17.99
CA THR B 231 -14.87 8.52 18.58
C THR B 231 -15.77 9.50 19.34
N GLU B 232 -17.09 9.28 19.22
CA GLU B 232 -18.13 10.13 19.78
C GLU B 232 -17.86 10.57 21.21
N ASP B 233 -17.20 9.71 22.00
CA ASP B 233 -17.00 9.97 23.42
C ASP B 233 -15.95 11.04 23.70
N PHE B 234 -15.30 11.59 22.67
CA PHE B 234 -14.31 12.64 22.87
C PHE B 234 -14.99 13.88 23.46
N LEU B 235 -15.32 13.80 24.74
CA LEU B 235 -16.17 14.77 25.41
C LEU B 235 -15.68 14.99 26.84
N GLU B 256 -14.11 0.22 24.95
CA GLU B 256 -12.82 -0.44 25.13
C GLU B 256 -11.71 0.26 24.34
N SER B 257 -10.70 -0.51 23.91
CA SER B 257 -9.55 0.06 23.25
C SER B 257 -9.91 0.67 21.91
N TYR B 258 -9.33 1.84 21.63
CA TYR B 258 -9.43 2.49 20.33
C TYR B 258 -8.11 2.46 19.56
N GLU B 259 -7.20 1.56 19.95
CA GLU B 259 -5.87 1.47 19.35
C GLU B 259 -5.82 0.24 18.45
N TYR B 260 -5.30 0.41 17.24
CA TYR B 260 -5.23 -0.65 16.25
C TYR B 260 -3.80 -0.85 15.77
N ASP B 261 -3.58 -1.99 15.12
CA ASP B 261 -2.28 -2.37 14.58
C ASP B 261 -2.46 -2.75 13.11
N LEU B 262 -1.60 -2.24 12.25
CA LEU B 262 -1.59 -2.68 10.86
C LEU B 262 -1.24 -4.16 10.78
N ILE B 263 -2.17 -4.96 10.28
CA ILE B 263 -1.94 -6.38 10.06
C ILE B 263 -1.95 -6.75 8.58
N GLY B 264 -2.55 -5.94 7.73
CA GLY B 264 -2.62 -6.25 6.31
C GLY B 264 -2.65 -4.99 5.47
N VAL B 265 -2.11 -5.11 4.26
CA VAL B 265 -2.14 -4.04 3.27
C VAL B 265 -2.41 -4.65 1.91
N THR B 266 -3.44 -4.17 1.24
CA THR B 266 -3.82 -4.66 -0.08
C THR B 266 -3.45 -3.57 -1.09
N VAL B 267 -2.38 -3.81 -1.83
CA VAL B 267 -1.85 -2.87 -2.81
C VAL B 267 -2.30 -3.27 -4.21
N HIS B 268 -2.53 -2.26 -5.04
CA HIS B 268 -2.95 -2.47 -6.43
C HIS B 268 -1.94 -1.78 -7.34
N THR B 269 -1.39 -2.55 -8.28
CA THR B 269 -0.45 -2.04 -9.26
C THR B 269 -1.08 -2.01 -10.63
N GLY B 270 -0.91 -0.91 -11.33
CA GLY B 270 -1.37 -0.77 -12.69
C GLY B 270 -1.93 0.62 -12.93
N THR B 271 -2.79 0.70 -13.93
CA THR B 271 -3.43 1.95 -14.31
C THR B 271 -4.84 1.99 -13.74
N ALA B 272 -5.64 2.97 -14.18
CA ALA B 272 -7.06 3.02 -13.85
C ALA B 272 -7.90 2.06 -14.70
N ASP B 273 -7.32 1.47 -15.74
CA ASP B 273 -8.01 0.53 -16.61
C ASP B 273 -7.69 -0.91 -16.26
N GLY B 274 -7.61 -1.23 -14.97
CA GLY B 274 -7.24 -2.56 -14.53
C GLY B 274 -5.81 -2.58 -13.99
N GLY B 275 -5.39 -3.77 -13.59
CA GLY B 275 -4.05 -3.95 -13.06
C GLY B 275 -3.83 -5.28 -12.39
N HIS B 276 -3.13 -5.27 -11.26
CA HIS B 276 -2.79 -6.49 -10.54
C HIS B 276 -2.89 -6.22 -9.04
N TYR B 277 -3.24 -7.27 -8.30
CA TYR B 277 -3.44 -7.18 -6.86
C TYR B 277 -2.51 -8.14 -6.13
N TYR B 278 -2.09 -7.71 -4.94
CA TYR B 278 -1.31 -8.55 -4.02
C TYR B 278 -1.29 -7.85 -2.67
N SER B 279 -1.00 -8.64 -1.63
CA SER B 279 -1.18 -8.19 -0.26
C SER B 279 0.09 -8.37 0.56
N PHE B 280 0.40 -7.36 1.38
CA PHE B 280 1.35 -7.47 2.48
C PHE B 280 0.53 -7.66 3.75
N ILE B 281 0.56 -8.86 4.32
CA ILE B 281 -0.22 -9.14 5.52
C ILE B 281 0.67 -9.78 6.58
N ARG B 282 0.31 -9.55 7.83
CA ARG B 282 1.13 -9.86 8.99
C ARG B 282 0.73 -11.20 9.60
N ASP B 283 1.73 -11.91 10.13
CA ASP B 283 1.54 -13.22 10.75
C ASP B 283 1.13 -13.00 12.20
N ILE B 284 -0.17 -13.03 12.47
CA ILE B 284 -0.71 -12.72 13.79
C ILE B 284 -1.24 -13.97 14.49
N VAL B 285 -0.81 -15.16 14.07
CA VAL B 285 -1.28 -16.42 14.63
C VAL B 285 -0.19 -17.10 15.45
N ASN B 286 0.95 -17.38 14.84
CA ASN B 286 2.05 -18.00 15.59
C ASN B 286 2.69 -16.94 16.49
N PRO B 287 2.66 -17.11 17.81
CA PRO B 287 3.13 -16.03 18.70
C PRO B 287 4.63 -15.80 18.63
N HIS B 288 5.43 -16.84 18.43
CA HIS B 288 6.87 -16.64 18.28
C HIS B 288 7.19 -15.83 17.03
N ALA B 289 6.28 -15.81 16.05
CA ALA B 289 6.49 -15.06 14.81
C ALA B 289 5.97 -13.63 14.88
N TYR B 290 5.11 -13.32 15.85
CA TYR B 290 4.63 -11.95 16.00
C TYR B 290 5.77 -11.03 16.43
N LYS B 291 6.43 -11.36 17.55
CA LYS B 291 7.45 -10.48 18.10
C LYS B 291 8.66 -10.33 17.19
N ASN B 292 8.88 -11.26 16.26
CA ASN B 292 9.91 -11.11 15.25
C ASN B 292 9.42 -10.32 14.05
N ASN B 293 8.20 -9.77 14.12
CA ASN B 293 7.66 -8.88 13.10
C ASN B 293 7.61 -9.55 11.73
N LYS B 294 7.26 -10.84 11.72
CA LYS B 294 7.26 -11.60 10.48
C LYS B 294 6.06 -11.21 9.62
N TRP B 295 6.34 -10.51 8.52
CA TRP B 295 5.36 -10.22 7.49
C TRP B 295 5.61 -11.11 6.29
N TYR B 296 4.58 -11.28 5.46
CA TYR B 296 4.70 -12.09 4.26
C TYR B 296 3.99 -11.42 3.10
N LEU B 297 4.61 -11.51 1.92
CA LEU B 297 4.02 -11.01 0.69
C LEU B 297 3.21 -12.15 0.06
N PHE B 298 1.90 -11.96 -0.03
CA PHE B 298 1.00 -12.92 -0.63
C PHE B 298 0.68 -12.45 -2.05
N ASN B 299 1.38 -13.00 -3.03
CA ASN B 299 1.23 -12.63 -4.43
C ASN B 299 0.78 -13.86 -5.20
N ASP B 300 -0.53 -14.06 -5.26
CA ASP B 300 -1.15 -15.20 -5.96
C ASP B 300 -0.61 -16.48 -5.35
N ALA B 301 -0.04 -17.39 -6.14
CA ALA B 301 0.45 -18.65 -5.60
C ALA B 301 1.81 -18.51 -4.92
N GLU B 302 2.36 -17.29 -4.86
CA GLU B 302 3.70 -17.06 -4.33
C GLU B 302 3.60 -16.30 -3.02
N VAL B 303 3.91 -16.98 -1.91
CA VAL B 303 3.99 -16.34 -0.61
C VAL B 303 5.47 -16.19 -0.26
N LYS B 304 5.90 -14.95 -0.08
CA LYS B 304 7.28 -14.60 0.22
C LYS B 304 7.34 -13.88 1.56
N PRO B 305 8.41 -14.04 2.32
CA PRO B 305 8.58 -13.24 3.53
C PRO B 305 8.87 -11.79 3.18
N PHE B 306 8.27 -10.88 3.95
CA PHE B 306 8.36 -9.45 3.67
C PHE B 306 9.04 -8.73 4.83
N ASP B 307 9.72 -7.63 4.50
CA ASP B 307 10.43 -6.81 5.48
C ASP B 307 9.62 -5.53 5.67
N SER B 308 8.96 -5.41 6.84
CA SER B 308 8.07 -4.28 7.07
C SER B 308 8.79 -2.93 7.02
N ALA B 309 10.13 -2.93 7.09
CA ALA B 309 10.87 -1.71 6.81
C ALA B 309 10.64 -1.22 5.39
N GLN B 310 10.20 -2.11 4.49
CA GLN B 310 9.94 -1.78 3.10
C GLN B 310 8.49 -1.41 2.84
N LEU B 311 7.66 -1.31 3.88
CA LEU B 311 6.24 -1.03 3.69
C LEU B 311 6.02 0.30 2.98
N ALA B 312 6.68 1.36 3.47
CA ALA B 312 6.48 2.69 2.91
C ALA B 312 6.75 2.71 1.41
N SER B 313 7.82 2.05 0.97
CA SER B 313 8.18 2.07 -0.45
C SER B 313 7.09 1.42 -1.30
N GLU B 314 6.54 0.31 -0.83
CA GLU B 314 5.60 -0.48 -1.60
C GLU B 314 4.16 -0.01 -1.49
N CYS B 315 3.85 0.88 -0.55
CA CYS B 315 2.44 1.14 -0.24
C CYS B 315 2.08 2.61 -0.21
N PHE B 316 3.04 3.48 0.10
CA PHE B 316 2.69 4.90 0.25
C PHE B 316 2.52 5.57 -1.10
N GLY B 317 3.31 5.17 -2.09
CA GLY B 317 3.21 5.76 -3.41
C GLY B 317 4.04 7.02 -3.55
N GLY B 318 3.60 7.93 -4.40
CA GLY B 318 4.38 9.12 -4.68
C GLY B 318 5.39 8.87 -5.77
N GLU B 319 6.42 9.70 -5.78
CA GLU B 319 7.45 9.64 -6.81
C GLU B 319 8.65 8.82 -6.35
N MET B 320 9.34 8.24 -7.33
CA MET B 320 10.74 7.87 -7.22
C MET B 320 11.46 8.51 -8.40
N THR B 321 12.80 8.48 -8.38
CA THR B 321 13.56 9.16 -9.40
C THR B 321 14.63 8.25 -9.97
N THR B 322 14.80 8.33 -11.30
CA THR B 322 15.80 7.57 -12.04
C THR B 322 15.76 7.96 -13.51
N ASP B 334 17.48 10.95 -14.82
CA ASP B 334 17.06 11.66 -13.62
C ASP B 334 15.61 12.16 -13.79
N PHE B 335 14.72 11.22 -14.10
CA PHE B 335 13.33 11.50 -14.38
C PHE B 335 12.49 11.18 -13.14
N SER B 336 11.85 12.20 -12.57
CA SER B 336 10.94 12.00 -11.46
C SER B 336 9.58 11.60 -12.00
N PHE B 337 9.08 10.44 -11.55
CA PHE B 337 7.82 9.89 -12.01
C PHE B 337 7.10 9.27 -10.82
N GLU B 338 5.77 9.30 -10.86
CA GLU B 338 4.98 8.73 -9.79
C GLU B 338 4.93 7.21 -9.92
N LYS B 339 4.96 6.53 -8.78
CA LYS B 339 4.79 5.08 -8.75
C LYS B 339 3.31 4.74 -8.95
N THR B 340 3.06 3.64 -9.66
CA THR B 340 1.70 3.18 -9.91
C THR B 340 1.25 2.08 -8.96
N HIS B 341 2.07 1.75 -7.95
CA HIS B 341 1.72 0.74 -6.97
C HIS B 341 1.67 1.38 -5.59
N SER B 342 0.48 1.40 -4.99
CA SER B 342 0.26 2.03 -3.71
C SER B 342 -1.03 1.48 -3.11
N ALA B 343 -1.05 1.40 -1.78
CA ALA B 343 -2.04 0.59 -1.09
C ALA B 343 -3.46 1.02 -1.40
N TYR B 344 -4.31 0.03 -1.74
CA TYR B 344 -5.73 0.27 -1.98
C TYR B 344 -6.60 -0.04 -0.77
N MET B 345 -6.21 -1.02 0.05
CA MET B 345 -6.97 -1.40 1.23
C MET B 345 -6.01 -1.62 2.39
N LEU B 346 -6.41 -1.16 3.58
CA LEU B 346 -5.63 -1.32 4.80
C LEU B 346 -6.44 -2.12 5.81
N PHE B 347 -5.75 -2.94 6.60
CA PHE B 347 -6.39 -3.81 7.58
C PHE B 347 -5.71 -3.63 8.93
N TYR B 348 -6.44 -3.07 9.89
CA TYR B 348 -5.92 -2.82 11.22
C TYR B 348 -6.65 -3.69 12.23
N LYS B 349 -5.91 -4.26 13.18
CA LYS B 349 -6.46 -5.13 14.20
C LYS B 349 -6.42 -4.43 15.55
N ARG B 350 -7.53 -4.50 16.29
CA ARG B 350 -7.62 -3.86 17.58
C ARG B 350 -6.78 -4.60 18.61
N MET B 351 -6.01 -3.85 19.38
CA MET B 351 -5.25 -4.43 20.48
C MET B 351 -6.12 -4.49 21.74
N GLU B 352 -5.77 -5.42 22.63
CA GLU B 352 -6.44 -5.53 23.92
C GLU B 352 -5.51 -6.13 24.97
N GLU B 360 -2.62 -17.59 22.44
CA GLU B 360 -2.24 -18.73 21.62
C GLU B 360 -3.46 -19.34 20.95
N TYR B 361 -3.45 -19.39 19.62
CA TYR B 361 -4.61 -19.77 18.83
C TYR B 361 -4.60 -21.26 18.53
N LYS B 362 -5.71 -21.93 18.84
CA LYS B 362 -5.97 -23.30 18.40
C LYS B 362 -7.26 -23.33 17.61
N PHE B 363 -7.25 -24.06 16.49
CA PHE B 363 -8.38 -24.14 15.59
C PHE B 363 -8.94 -25.55 15.61
N ASP B 364 -10.21 -25.69 16.00
CA ASP B 364 -10.91 -26.94 15.82
C ASP B 364 -11.86 -26.82 14.62
N VAL B 365 -12.10 -27.95 13.97
CA VAL B 365 -12.71 -28.00 12.65
C VAL B 365 -13.05 -29.47 12.38
N SER B 366 -14.08 -29.72 11.56
CA SER B 366 -14.55 -31.07 11.30
C SER B 366 -13.40 -32.00 10.92
N SER B 367 -13.30 -33.11 11.64
CA SER B 367 -12.21 -34.07 11.41
C SER B 367 -12.26 -34.63 9.99
N GLU B 368 -13.46 -34.74 9.42
CA GLU B 368 -13.59 -35.19 8.03
C GLU B 368 -12.74 -34.36 7.09
N LEU B 369 -12.75 -33.04 7.26
CA LEU B 369 -12.04 -32.17 6.33
C LEU B 369 -10.53 -32.29 6.49
N LEU B 370 -10.05 -32.54 7.71
CA LEU B 370 -8.61 -32.64 7.90
C LEU B 370 -8.02 -33.87 7.21
N GLU B 371 -8.82 -34.90 7.01
CA GLU B 371 -8.32 -36.10 6.36
C GLU B 371 -8.33 -35.98 4.83
N TRP B 372 -9.22 -35.15 4.28
CA TRP B 372 -9.13 -34.84 2.86
C TRP B 372 -7.77 -34.26 2.51
N ILE B 373 -7.22 -33.44 3.39
CA ILE B 373 -5.93 -32.81 3.15
C ILE B 373 -4.77 -33.58 3.77
N TRP B 374 -5.03 -34.45 4.75
CA TRP B 374 -3.97 -35.31 5.26
C TRP B 374 -3.75 -36.54 4.39
N HIS B 375 -4.65 -36.83 3.46
CA HIS B 375 -4.40 -37.84 2.43
C HIS B 375 -3.67 -37.26 1.23
N ASP B 376 -4.11 -36.08 0.76
CA ASP B 376 -3.43 -35.42 -0.35
C ASP B 376 -1.98 -35.08 -0.01
N ASN B 377 -1.64 -35.04 1.28
CA ASN B 377 -0.26 -34.83 1.71
C ASN B 377 0.64 -36.02 1.40
N MET B 378 0.10 -37.11 0.86
CA MET B 378 0.90 -38.24 0.44
C MET B 378 1.41 -38.02 -0.98
N GLN B 379 2.67 -38.40 -1.22
CA GLN B 379 3.31 -38.16 -2.50
C GLN B 379 4.31 -39.27 -2.83
N ARG C 4 19.11 -18.44 -11.55
CA ARG C 4 19.13 -19.23 -12.78
C ARG C 4 18.82 -18.36 -13.99
N PHE C 5 17.57 -17.94 -14.11
CA PHE C 5 17.16 -16.94 -15.09
C PHE C 5 16.62 -15.72 -14.34
N VAL C 6 16.21 -14.70 -15.09
CA VAL C 6 15.68 -13.47 -14.51
C VAL C 6 14.23 -13.30 -14.93
N GLY C 7 13.40 -12.83 -14.01
CA GLY C 7 11.99 -12.61 -14.25
C GLY C 7 11.71 -11.23 -14.79
N LEU C 8 10.42 -10.90 -14.86
CA LEU C 8 9.97 -9.61 -15.37
C LEU C 8 8.75 -9.16 -14.56
N THR C 9 8.91 -8.08 -13.81
CA THR C 9 7.92 -7.67 -12.82
C THR C 9 6.65 -7.16 -13.51
N ASN C 10 5.51 -7.74 -13.14
CA ASN C 10 4.22 -7.32 -13.69
C ASN C 10 3.92 -5.89 -13.28
N LEU C 11 3.89 -4.98 -14.25
CA LEU C 11 3.56 -3.58 -14.00
C LEU C 11 2.07 -3.34 -13.82
N GLY C 12 1.28 -4.41 -13.71
CA GLY C 12 -0.16 -4.28 -13.62
C GLY C 12 -0.87 -5.24 -14.55
N ALA C 13 -0.70 -5.02 -15.86
CA ALA C 13 -1.28 -5.89 -16.88
C ALA C 13 -0.27 -6.09 -18.01
N THR C 14 0.90 -6.64 -17.69
CA THR C 14 1.99 -6.78 -18.65
C THR C 14 2.53 -8.21 -18.75
N CYS C 15 1.69 -9.21 -18.45
CA CYS C 15 2.05 -10.60 -18.69
C CYS C 15 2.42 -10.82 -20.15
N TYR C 16 1.59 -10.32 -21.07
CA TYR C 16 1.83 -10.51 -22.49
C TYR C 16 3.20 -9.99 -22.89
N LEU C 17 3.60 -8.85 -22.32
CA LEU C 17 4.92 -8.29 -22.62
C LEU C 17 6.03 -9.19 -22.08
N ALA C 18 5.86 -9.68 -20.85
CA ALA C 18 6.87 -10.55 -20.26
C ALA C 18 7.05 -11.82 -21.07
N SER C 19 5.97 -12.35 -21.64
CA SER C 19 6.06 -13.57 -22.43
C SER C 19 6.81 -13.33 -23.73
N THR C 20 6.46 -12.25 -24.44
CA THR C 20 7.12 -11.93 -25.70
C THR C 20 8.62 -11.69 -25.48
N ILE C 21 8.95 -10.85 -24.50
CA ILE C 21 10.35 -10.50 -24.26
C ILE C 21 11.14 -11.72 -23.79
N GLN C 22 10.50 -12.62 -23.04
CA GLN C 22 11.24 -13.77 -22.53
C GLN C 22 11.52 -14.79 -23.62
N GLN C 23 10.56 -15.02 -24.52
CA GLN C 23 10.82 -15.93 -25.63
C GLN C 23 11.85 -15.35 -26.59
N LEU C 24 11.89 -14.02 -26.73
CA LEU C 24 12.90 -13.38 -27.55
C LEU C 24 14.29 -13.59 -26.96
N TYR C 25 14.46 -13.21 -25.68
CA TYR C 25 15.73 -13.37 -25.00
C TYR C 25 16.25 -14.80 -25.07
N MET C 26 15.36 -15.78 -25.13
CA MET C 26 15.75 -17.19 -25.11
C MET C 26 16.07 -17.73 -26.50
N ILE C 27 15.88 -16.95 -27.55
CA ILE C 27 16.27 -17.34 -28.91
C ILE C 27 17.54 -16.59 -29.26
N PRO C 28 18.68 -17.26 -29.40
CA PRO C 28 19.97 -16.54 -29.41
C PRO C 28 20.10 -15.49 -30.51
N GLU C 29 19.79 -15.83 -31.75
CA GLU C 29 20.02 -14.90 -32.86
C GLU C 29 19.22 -13.61 -32.70
N ALA C 30 18.14 -13.62 -31.90
CA ALA C 30 17.40 -12.40 -31.64
C ALA C 30 18.10 -11.56 -30.57
N ARG C 31 18.46 -12.18 -29.44
CA ARG C 31 19.21 -11.48 -28.41
C ARG C 31 20.51 -10.90 -28.96
N GLN C 32 21.20 -11.68 -29.81
CA GLN C 32 22.42 -11.19 -30.44
C GLN C 32 22.12 -10.01 -31.36
N ALA C 33 21.04 -10.10 -32.15
CA ALA C 33 20.68 -8.99 -33.02
C ALA C 33 20.29 -7.74 -32.24
N VAL C 34 19.80 -7.91 -31.01
CA VAL C 34 19.50 -6.74 -30.18
C VAL C 34 20.79 -6.19 -29.56
N PHE C 35 21.75 -7.05 -29.26
CA PHE C 35 23.04 -6.57 -28.77
C PHE C 35 23.84 -5.91 -29.88
N THR C 36 23.80 -6.47 -31.08
CA THR C 36 24.54 -5.95 -32.23
C THR C 36 23.77 -4.87 -32.99
N ALA C 37 22.95 -4.08 -32.30
CA ALA C 37 22.11 -3.10 -32.97
C ALA C 37 22.93 -1.87 -33.31
N LYS C 38 23.14 -1.65 -34.62
CA LYS C 38 23.76 -0.42 -35.08
C LYS C 38 22.87 0.77 -34.79
N TYR C 39 23.48 1.94 -34.65
CA TYR C 39 22.75 3.16 -34.33
C TYR C 39 22.81 4.17 -35.47
N SER C 40 21.83 5.06 -35.46
CA SER C 40 21.83 6.27 -36.26
C SER C 40 21.13 7.35 -35.44
N GLU C 41 21.25 8.59 -35.90
CA GLU C 41 20.45 9.66 -35.31
C GLU C 41 18.97 9.44 -35.59
N ASP C 42 18.63 9.10 -36.83
CA ASP C 42 17.26 9.10 -37.30
C ASP C 42 16.68 7.71 -37.50
N MET C 43 17.25 6.70 -36.84
CA MET C 43 16.62 5.38 -36.87
C MET C 43 15.32 5.43 -36.07
N LYS C 44 14.31 4.70 -36.55
CA LYS C 44 13.01 4.74 -35.91
C LYS C 44 13.02 3.95 -34.60
N HIS C 45 12.29 4.46 -33.60
CA HIS C 45 12.15 3.80 -32.30
C HIS C 45 13.50 3.54 -31.65
N LYS C 46 14.42 4.50 -31.74
CA LYS C 46 15.75 4.31 -31.18
C LYS C 46 15.70 4.04 -29.69
N THR C 47 14.77 4.70 -28.98
CA THR C 47 14.67 4.50 -27.54
C THR C 47 14.24 3.07 -27.22
N THR C 48 13.19 2.60 -27.89
CA THR C 48 12.75 1.21 -27.73
C THR C 48 13.91 0.25 -27.87
N LEU C 49 14.84 0.55 -28.78
CA LEU C 49 16.00 -0.31 -28.97
C LEU C 49 16.93 -0.28 -27.77
N LEU C 50 17.28 0.93 -27.29
CA LEU C 50 18.16 1.04 -26.14
C LEU C 50 17.51 0.47 -24.88
N GLU C 51 16.19 0.62 -24.75
CA GLU C 51 15.50 0.02 -23.61
C GLU C 51 15.42 -1.49 -23.73
N LEU C 52 15.37 -2.00 -24.96
CA LEU C 52 15.45 -3.44 -25.18
C LEU C 52 16.85 -3.96 -24.89
N GLN C 53 17.88 -3.20 -25.29
CA GLN C 53 19.26 -3.58 -25.03
C GLN C 53 19.52 -3.67 -23.53
N LYS C 54 18.97 -2.73 -22.76
CA LYS C 54 19.01 -2.82 -21.30
C LYS C 54 18.44 -4.15 -20.83
N MET C 55 17.17 -4.39 -21.18
CA MET C 55 16.44 -5.56 -20.70
C MET C 55 17.22 -6.84 -20.94
N PHE C 56 17.73 -7.01 -22.16
CA PHE C 56 18.45 -8.24 -22.47
C PHE C 56 19.79 -8.32 -21.74
N THR C 57 20.42 -7.17 -21.48
CA THR C 57 21.62 -7.15 -20.65
C THR C 57 21.29 -7.49 -19.21
N TYR C 58 20.24 -6.87 -18.67
CA TYR C 58 19.75 -7.18 -17.33
C TYR C 58 19.44 -8.67 -17.20
N LEU C 59 18.54 -9.18 -18.03
CA LEU C 59 18.14 -10.57 -17.95
C LEU C 59 19.30 -11.54 -18.12
N MET C 60 20.41 -11.10 -18.71
CA MET C 60 21.54 -11.99 -18.93
C MET C 60 22.56 -11.96 -17.80
N GLU C 61 22.85 -10.77 -17.27
CA GLU C 61 23.93 -10.63 -16.29
C GLU C 61 23.46 -10.27 -14.89
N SER C 62 22.34 -9.58 -14.74
CA SER C 62 21.96 -9.06 -13.44
C SER C 62 21.70 -10.17 -12.44
N GLU C 63 22.18 -9.97 -11.21
CA GLU C 63 21.98 -10.92 -10.13
C GLU C 63 20.72 -10.64 -9.33
N CYS C 64 19.90 -9.71 -9.78
CA CYS C 64 18.62 -9.43 -9.13
C CYS C 64 17.67 -10.60 -9.36
N LYS C 65 16.42 -10.44 -8.95
CA LYS C 65 15.39 -11.45 -9.13
C LYS C 65 14.63 -11.25 -10.44
N ALA C 66 14.22 -10.01 -10.72
CA ALA C 66 13.43 -9.71 -11.90
C ALA C 66 13.70 -8.27 -12.33
N TYR C 67 13.78 -8.06 -13.64
CA TYR C 67 13.86 -6.71 -14.19
C TYR C 67 12.49 -6.06 -14.16
N ASN C 68 12.46 -4.76 -13.87
CA ASN C 68 11.23 -3.98 -13.86
C ASN C 68 11.13 -3.25 -15.18
N PRO C 69 10.29 -3.70 -16.12
CA PRO C 69 10.31 -3.13 -17.49
C PRO C 69 9.69 -1.75 -17.58
N ARG C 70 9.53 -1.05 -16.45
CA ARG C 70 8.89 0.26 -16.48
C ARG C 70 9.62 1.29 -17.34
N PRO C 71 10.95 1.29 -17.49
CA PRO C 71 11.53 2.20 -18.49
C PRO C 71 11.13 1.84 -19.91
N PHE C 72 11.03 0.56 -20.21
CA PHE C 72 10.67 0.12 -21.56
C PHE C 72 9.24 0.52 -21.91
N CYS C 73 8.32 0.45 -20.96
CA CYS C 73 6.91 0.67 -21.24
C CYS C 73 6.57 2.14 -21.43
N LYS C 74 7.25 3.04 -20.72
CA LYS C 74 7.03 4.47 -20.92
C LYS C 74 7.29 4.89 -22.36
N THR C 75 8.34 4.32 -22.96
CA THR C 75 8.76 4.73 -24.30
C THR C 75 8.15 3.89 -25.42
N TYR C 76 7.58 2.73 -25.09
CA TYR C 76 6.96 1.91 -26.12
C TYR C 76 5.62 2.52 -26.54
N THR C 77 5.48 2.79 -27.83
CA THR C 77 4.25 3.31 -28.40
C THR C 77 3.51 2.21 -29.14
N MET C 78 2.21 2.11 -28.91
CA MET C 78 1.35 1.21 -29.66
C MET C 78 0.29 2.08 -30.35
N ASP C 79 0.52 2.38 -31.62
CA ASP C 79 -0.34 3.22 -32.46
C ASP C 79 -0.77 4.51 -31.74
N LYS C 80 0.18 5.45 -31.71
CA LYS C 80 0.02 6.80 -31.16
C LYS C 80 0.01 6.82 -29.64
N GLN C 81 -0.57 5.79 -29.01
CA GLN C 81 -0.65 5.96 -27.57
C GLN C 81 0.45 5.19 -26.86
N PRO C 82 1.06 5.76 -25.83
CA PRO C 82 2.10 5.04 -25.10
C PRO C 82 1.50 3.94 -24.23
N LEU C 83 2.30 2.87 -24.05
CA LEU C 83 1.79 1.62 -23.50
C LEU C 83 1.09 1.83 -22.17
N ASN C 84 -0.12 1.28 -22.06
CA ASN C 84 -0.93 1.38 -20.85
C ASN C 84 -0.74 0.10 -20.04
N THR C 85 -0.16 0.25 -18.84
CA THR C 85 0.26 -0.89 -18.04
C THR C 85 -0.87 -1.51 -17.21
N GLY C 86 -2.05 -0.91 -17.19
CA GLY C 86 -3.19 -1.52 -16.54
C GLY C 86 -4.08 -2.23 -17.52
N GLU C 87 -3.87 -1.98 -18.80
CA GLU C 87 -4.66 -2.58 -19.87
C GLU C 87 -4.04 -3.90 -20.30
N GLN C 88 -4.79 -4.98 -20.16
CA GLN C 88 -4.34 -6.26 -20.66
C GLN C 88 -4.59 -6.36 -22.16
N LYS C 89 -3.61 -6.89 -22.90
CA LYS C 89 -3.65 -6.91 -24.34
C LYS C 89 -3.34 -8.31 -24.86
N ASP C 90 -3.59 -8.51 -26.16
CA ASP C 90 -3.34 -9.80 -26.78
C ASP C 90 -1.83 -10.00 -26.95
N MET C 91 -1.33 -11.14 -26.46
CA MET C 91 0.10 -11.41 -26.52
C MET C 91 0.60 -11.47 -27.97
N THR C 92 -0.23 -12.00 -28.88
CA THR C 92 0.18 -12.07 -30.27
C THR C 92 0.33 -10.68 -30.88
N GLU C 93 -0.64 -9.79 -30.61
CA GLU C 93 -0.56 -8.40 -31.05
C GLU C 93 0.78 -7.79 -30.70
N PHE C 94 1.20 -7.92 -29.44
CA PHE C 94 2.46 -7.36 -28.99
C PHE C 94 3.63 -7.96 -29.75
N PHE C 95 3.66 -9.29 -29.87
CA PHE C 95 4.73 -9.95 -30.60
C PHE C 95 4.79 -9.46 -32.04
N THR C 96 3.63 -9.38 -32.69
CA THR C 96 3.58 -8.78 -34.02
C THR C 96 4.08 -7.34 -33.99
N ASP C 97 3.60 -6.55 -33.03
CA ASP C 97 3.97 -5.14 -32.97
C ASP C 97 5.42 -4.93 -32.59
N LEU C 98 5.99 -5.81 -31.78
CA LEU C 98 7.40 -5.69 -31.42
C LEU C 98 8.30 -6.09 -32.59
N ILE C 99 7.96 -7.19 -33.26
CA ILE C 99 8.77 -7.62 -34.40
C ILE C 99 8.81 -6.53 -35.47
N THR C 100 7.68 -5.85 -35.69
CA THR C 100 7.64 -4.78 -36.67
C THR C 100 8.50 -3.60 -36.24
N LYS C 101 8.44 -3.22 -34.95
CA LYS C 101 9.28 -2.13 -34.47
C LYS C 101 10.76 -2.45 -34.65
N ILE C 102 11.16 -3.68 -34.32
CA ILE C 102 12.56 -4.06 -34.42
C ILE C 102 13.01 -4.08 -35.87
N GLU C 103 12.12 -4.47 -36.79
CA GLU C 103 12.46 -4.47 -38.21
C GLU C 103 12.63 -3.06 -38.75
N GLU C 104 11.96 -2.08 -38.16
CA GLU C 104 12.01 -0.70 -38.62
C GLU C 104 13.20 0.08 -38.07
N MET C 105 14.04 -0.54 -37.24
CA MET C 105 15.12 0.19 -36.60
C MET C 105 16.28 0.43 -37.56
N SER C 106 16.76 -0.61 -38.21
CA SER C 106 17.82 -0.52 -39.20
C SER C 106 17.66 -1.65 -40.18
N PRO C 107 18.18 -1.51 -41.41
CA PRO C 107 18.15 -2.65 -42.33
C PRO C 107 19.06 -3.79 -41.89
N GLU C 108 20.03 -3.52 -41.01
CA GLU C 108 20.78 -4.60 -40.38
C GLU C 108 19.89 -5.48 -39.52
N LEU C 109 18.78 -4.94 -39.01
CA LEU C 109 17.84 -5.71 -38.20
C LEU C 109 16.75 -6.35 -39.06
N LYS C 110 16.07 -5.56 -39.90
CA LYS C 110 15.02 -6.10 -40.76
C LYS C 110 15.52 -7.31 -41.53
N ASN C 111 16.72 -7.23 -42.08
CA ASN C 111 17.27 -8.34 -42.85
C ASN C 111 17.51 -9.56 -41.96
N THR C 112 17.71 -9.35 -40.66
CA THR C 112 17.83 -10.44 -39.71
C THR C 112 16.48 -10.88 -39.15
N VAL C 113 15.56 -9.94 -38.95
CA VAL C 113 14.21 -10.29 -38.48
C VAL C 113 13.51 -11.16 -39.51
N LYS C 114 13.68 -10.86 -40.81
CA LYS C 114 13.06 -11.66 -41.84
C LYS C 114 13.67 -13.05 -41.93
N SER C 115 14.96 -13.18 -41.62
CA SER C 115 15.58 -14.50 -41.60
C SER C 115 15.04 -15.35 -40.46
N LEU C 116 14.86 -14.74 -39.29
CA LEU C 116 14.46 -15.49 -38.10
C LEU C 116 12.99 -15.89 -38.15
N PHE C 117 12.10 -14.89 -38.20
CA PHE C 117 10.67 -15.11 -38.06
C PHE C 117 9.93 -14.94 -39.38
N GLY C 118 10.62 -14.96 -40.50
CA GLY C 118 9.96 -14.65 -41.75
C GLY C 118 9.89 -15.76 -42.78
N GLY C 119 8.70 -15.94 -43.36
CA GLY C 119 8.51 -16.87 -44.46
C GLY C 119 7.63 -16.22 -45.52
N VAL C 120 7.29 -16.96 -46.57
CA VAL C 120 6.40 -16.43 -47.60
C VAL C 120 5.35 -17.48 -47.94
N ILE C 121 4.08 -17.11 -47.84
CA ILE C 121 2.99 -17.95 -48.31
C ILE C 121 2.81 -17.68 -49.80
N THR C 122 2.93 -18.71 -50.62
CA THR C 122 2.56 -18.61 -52.03
C THR C 122 1.21 -19.28 -52.22
N ASN C 123 0.29 -18.55 -52.84
CA ASN C 123 -1.04 -19.08 -53.12
C ASN C 123 -1.49 -18.59 -54.48
N ASN C 124 -1.98 -19.52 -55.30
CA ASN C 124 -2.43 -19.22 -56.64
C ASN C 124 -3.92 -19.53 -56.78
N VAL C 125 -4.62 -18.64 -57.44
CA VAL C 125 -6.00 -18.88 -57.87
C VAL C 125 -5.93 -19.52 -59.26
N VAL C 126 -6.34 -20.77 -59.36
CA VAL C 126 -6.23 -21.55 -60.58
C VAL C 126 -7.65 -21.88 -61.06
N SER C 127 -8.09 -21.23 -62.12
CA SER C 127 -9.46 -21.33 -62.58
C SER C 127 -9.62 -22.38 -63.66
N LEU C 128 -10.80 -22.99 -63.69
CA LEU C 128 -11.20 -23.85 -64.81
C LEU C 128 -12.37 -23.26 -65.58
N ASP C 129 -12.83 -22.05 -65.22
CA ASP C 129 -13.80 -21.30 -66.01
C ASP C 129 -13.13 -20.45 -67.10
N CYS C 130 -11.80 -20.39 -67.09
CA CYS C 130 -11.02 -19.65 -68.08
C CYS C 130 -9.58 -20.11 -67.96
N GLU C 131 -8.82 -19.94 -69.04
CA GLU C 131 -7.49 -20.50 -69.15
C GLU C 131 -6.44 -19.62 -68.46
N HIS C 132 -6.64 -19.30 -67.20
CA HIS C 132 -5.72 -18.44 -66.48
C HIS C 132 -5.33 -19.03 -65.13
N VAL C 133 -4.22 -18.51 -64.61
CA VAL C 133 -3.65 -18.87 -63.31
C VAL C 133 -3.04 -17.62 -62.73
N SER C 134 -3.33 -17.32 -61.46
CA SER C 134 -2.87 -16.09 -60.82
C SER C 134 -2.15 -16.44 -59.52
N GLN C 135 -0.82 -16.49 -59.56
CA GLN C 135 0.00 -16.96 -58.44
C GLN C 135 0.72 -15.78 -57.81
N THR C 136 0.32 -15.45 -56.59
CA THR C 136 0.89 -14.33 -55.84
C THR C 136 1.71 -14.86 -54.66
N ALA C 137 2.35 -13.92 -53.96
CA ALA C 137 3.13 -14.23 -52.77
C ALA C 137 2.70 -13.32 -51.63
N GLU C 138 2.66 -13.88 -50.43
CA GLU C 138 2.29 -13.13 -49.23
C GLU C 138 3.21 -13.56 -48.11
N GLU C 139 3.88 -12.59 -47.48
CA GLU C 139 4.82 -12.90 -46.41
C GLU C 139 4.09 -12.94 -45.07
N PHE C 140 4.68 -13.68 -44.13
CA PHE C 140 4.04 -13.94 -42.84
C PHE C 140 5.09 -14.04 -41.76
N TYR C 141 4.73 -13.58 -40.56
CA TYR C 141 5.50 -13.84 -39.35
C TYR C 141 4.90 -14.96 -38.51
N THR C 142 3.58 -15.03 -38.43
CA THR C 142 2.89 -16.01 -37.61
C THR C 142 1.82 -16.70 -38.45
N VAL C 143 1.69 -18.01 -38.27
CA VAL C 143 0.69 -18.81 -38.96
C VAL C 143 -0.55 -18.86 -38.08
N ARG C 144 -1.66 -18.28 -38.56
CA ARG C 144 -2.91 -18.23 -37.80
C ARG C 144 -3.65 -19.55 -37.96
N CYS C 145 -3.26 -20.52 -37.11
CA CYS C 145 -3.92 -21.82 -37.11
C CYS C 145 -5.33 -21.71 -36.56
N GLN C 146 -6.08 -22.80 -36.69
CA GLN C 146 -7.46 -22.88 -36.21
C GLN C 146 -7.57 -23.96 -35.17
N VAL C 147 -8.24 -23.67 -34.06
CA VAL C 147 -8.37 -24.59 -32.93
C VAL C 147 -9.78 -25.14 -32.83
N ALA C 148 -10.77 -24.26 -32.87
CA ALA C 148 -12.17 -24.68 -32.74
C ALA C 148 -12.51 -25.75 -33.77
N ASP C 149 -12.94 -26.91 -33.27
CA ASP C 149 -13.33 -28.06 -34.09
C ASP C 149 -12.14 -28.72 -34.75
N MET C 150 -10.96 -28.59 -34.15
CA MET C 150 -9.74 -29.20 -34.67
C MET C 150 -9.09 -30.04 -33.60
N LYS C 151 -8.61 -31.22 -33.98
CA LYS C 151 -8.04 -32.17 -33.03
C LYS C 151 -6.57 -31.89 -32.72
N ASN C 152 -5.79 -31.46 -33.70
CA ASN C 152 -4.38 -31.20 -33.52
C ASN C 152 -3.93 -30.14 -34.51
N ILE C 153 -2.64 -29.82 -34.48
CA ILE C 153 -2.11 -28.77 -35.35
C ILE C 153 -2.02 -29.24 -36.80
N TYR C 154 -1.84 -30.55 -37.02
CA TYR C 154 -1.82 -31.06 -38.38
C TYR C 154 -3.16 -30.82 -39.08
N GLU C 155 -4.25 -30.96 -38.35
CA GLU C 155 -5.56 -30.63 -38.89
C GLU C 155 -5.80 -29.12 -38.95
N SER C 156 -4.99 -28.33 -38.23
CA SER C 156 -5.01 -26.89 -38.40
C SER C 156 -4.30 -26.47 -39.66
N LEU C 157 -3.16 -27.11 -39.96
CA LEU C 157 -2.45 -26.87 -41.21
C LEU C 157 -3.14 -27.53 -42.40
N ASP C 158 -4.03 -28.50 -42.15
CA ASP C 158 -4.96 -28.95 -43.17
C ASP C 158 -5.77 -27.76 -43.68
N GLU C 159 -6.78 -27.37 -42.92
CA GLU C 159 -7.72 -26.34 -43.33
C GLU C 159 -7.01 -25.06 -43.80
N VAL C 160 -5.81 -24.80 -43.29
CA VAL C 160 -5.04 -23.64 -43.73
C VAL C 160 -4.55 -23.86 -45.16
N THR C 161 -3.92 -25.00 -45.43
CA THR C 161 -3.31 -25.24 -46.73
C THR C 161 -4.08 -26.30 -47.52
N ILE C 162 -5.38 -26.09 -47.76
CA ILE C 162 -6.20 -27.12 -48.39
C ILE C 162 -7.49 -26.49 -48.89
N LYS C 163 -8.20 -27.24 -49.76
CA LYS C 163 -9.64 -27.21 -49.96
C LYS C 163 -10.04 -26.39 -51.19
N ASP C 164 -9.38 -25.27 -51.42
CA ASP C 164 -9.56 -24.49 -52.64
C ASP C 164 -11.02 -24.07 -52.81
N THR C 165 -11.38 -23.09 -51.98
CA THR C 165 -12.74 -22.57 -51.98
C THR C 165 -13.14 -22.11 -53.36
N LEU C 166 -14.43 -22.26 -53.65
CA LEU C 166 -14.95 -22.09 -54.99
C LEU C 166 -15.60 -20.73 -55.16
N GLU C 167 -16.91 -20.71 -55.33
CA GLU C 167 -17.53 -19.44 -55.65
C GLU C 167 -17.92 -18.73 -54.37
N GLY C 168 -18.66 -19.41 -53.51
CA GLY C 168 -19.40 -18.81 -52.39
C GLY C 168 -19.90 -17.39 -52.55
N ASP C 169 -20.87 -17.10 -53.44
CA ASP C 169 -21.10 -15.69 -53.80
C ASP C 169 -19.76 -15.13 -54.28
N ASN C 170 -19.13 -14.25 -53.47
CA ASN C 170 -17.68 -13.98 -53.45
C ASN C 170 -17.00 -14.17 -54.79
N MET C 171 -17.25 -13.27 -55.74
CA MET C 171 -16.97 -13.52 -57.15
C MET C 171 -15.49 -13.22 -57.41
N TYR C 172 -14.76 -14.19 -57.94
CA TYR C 172 -13.36 -13.93 -58.27
C TYR C 172 -13.28 -13.09 -59.54
N THR C 173 -12.63 -11.93 -59.45
CA THR C 173 -12.37 -11.13 -60.65
C THR C 173 -11.13 -11.72 -61.33
N CYS C 174 -11.34 -12.50 -62.37
CA CYS C 174 -10.23 -12.85 -63.26
C CYS C 174 -9.67 -11.57 -63.84
N SER C 175 -8.36 -11.36 -63.65
CA SER C 175 -7.75 -10.09 -64.02
C SER C 175 -7.84 -9.83 -65.52
N HIS C 176 -7.29 -10.74 -66.32
CA HIS C 176 -7.23 -10.51 -67.76
C HIS C 176 -8.61 -10.61 -68.40
N CYS C 177 -9.31 -11.73 -68.16
CA CYS C 177 -10.70 -11.85 -68.58
C CYS C 177 -11.51 -10.72 -67.95
N GLY C 178 -11.81 -9.68 -68.72
CA GLY C 178 -12.60 -8.58 -68.21
C GLY C 178 -13.94 -9.04 -67.69
N LYS C 179 -13.93 -9.77 -66.58
CA LYS C 179 -15.10 -10.49 -66.12
C LYS C 179 -14.87 -10.96 -64.69
N LYS C 180 -15.92 -11.56 -64.12
CA LYS C 180 -15.88 -12.29 -62.86
C LYS C 180 -16.09 -13.77 -63.16
N VAL C 181 -15.28 -14.63 -62.55
CA VAL C 181 -15.32 -16.07 -62.80
C VAL C 181 -15.18 -16.82 -61.47
N ARG C 182 -15.30 -18.14 -61.56
CA ARG C 182 -15.01 -19.06 -60.46
C ARG C 182 -13.61 -19.63 -60.62
N ALA C 183 -13.12 -20.24 -59.54
CA ALA C 183 -11.81 -20.87 -59.55
C ALA C 183 -11.62 -21.73 -58.31
N GLU C 184 -10.36 -22.07 -58.01
CA GLU C 184 -10.02 -22.76 -56.78
C GLU C 184 -8.77 -22.11 -56.19
N LYS C 185 -8.84 -21.72 -54.92
CA LYS C 185 -7.82 -20.90 -54.28
C LYS C 185 -6.97 -21.76 -53.34
N ARG C 186 -5.68 -21.86 -53.64
CA ARG C 186 -4.78 -22.69 -52.86
C ARG C 186 -4.03 -21.84 -51.84
N ALA C 187 -3.04 -22.44 -51.17
CA ALA C 187 -2.23 -21.78 -50.15
C ALA C 187 -1.11 -22.70 -49.68
N CYS C 188 0.14 -22.34 -50.00
CA CYS C 188 1.30 -23.16 -49.68
C CYS C 188 2.37 -22.31 -49.01
N PHE C 189 3.42 -22.99 -48.55
CA PHE C 189 4.56 -22.35 -47.90
C PHE C 189 5.78 -22.47 -48.82
N LYS C 190 6.16 -21.37 -49.47
CA LYS C 190 7.30 -21.39 -50.37
C LYS C 190 8.62 -21.42 -49.59
N LYS C 191 8.79 -20.48 -48.66
CA LYS C 191 9.95 -20.48 -47.77
C LYS C 191 9.47 -20.33 -46.34
N LEU C 192 10.10 -21.10 -45.43
CA LEU C 192 9.68 -21.15 -44.04
C LEU C 192 10.76 -20.58 -43.13
N PRO C 193 10.36 -19.90 -42.05
CA PRO C 193 11.33 -19.15 -41.25
C PRO C 193 12.23 -20.05 -40.40
N ARG C 194 13.32 -19.46 -39.92
CA ARG C 194 14.19 -20.13 -38.98
C ARG C 194 13.48 -20.42 -37.66
N ILE C 195 12.55 -19.56 -37.27
CA ILE C 195 11.72 -19.75 -36.09
C ILE C 195 10.28 -19.60 -36.51
N LEU C 196 9.51 -20.68 -36.44
CA LEU C 196 8.17 -20.75 -36.97
C LEU C 196 7.15 -20.59 -35.85
N SER C 197 6.15 -19.73 -36.07
CA SER C 197 5.24 -19.30 -35.03
C SER C 197 3.80 -19.60 -35.43
N PHE C 198 3.02 -20.13 -34.49
CA PHE C 198 1.62 -20.47 -34.72
C PHE C 198 0.76 -19.82 -33.64
N ASN C 199 -0.16 -18.95 -34.06
CA ASN C 199 -1.18 -18.41 -33.16
C ASN C 199 -2.38 -19.34 -33.26
N THR C 200 -2.49 -20.26 -32.31
CA THR C 200 -3.59 -21.23 -32.26
C THR C 200 -4.77 -20.55 -31.58
N MET C 201 -5.60 -19.88 -32.38
CA MET C 201 -6.60 -18.98 -31.82
C MET C 201 -7.73 -19.78 -31.18
N ARG C 202 -7.76 -19.77 -29.84
CA ARG C 202 -8.82 -20.42 -29.07
C ARG C 202 -9.94 -19.43 -28.79
N TYR C 203 -10.68 -19.10 -29.84
CA TYR C 203 -11.92 -18.36 -29.66
C TYR C 203 -12.85 -18.62 -30.84
N THR C 204 -14.13 -18.37 -30.62
CA THR C 204 -15.12 -18.27 -31.67
C THR C 204 -16.01 -17.07 -31.35
N PHE C 205 -16.92 -16.74 -32.26
CA PHE C 205 -17.80 -15.59 -32.10
C PHE C 205 -19.24 -16.06 -31.99
N ASN C 206 -19.89 -15.70 -30.89
CA ASN C 206 -21.30 -16.03 -30.67
C ASN C 206 -22.14 -15.00 -31.42
N MET C 207 -22.78 -15.43 -32.50
CA MET C 207 -23.46 -14.49 -33.39
C MET C 207 -24.77 -13.98 -32.82
N VAL C 208 -25.36 -14.68 -31.85
CA VAL C 208 -26.62 -14.22 -31.28
C VAL C 208 -26.40 -13.30 -30.07
N THR C 209 -25.32 -13.51 -29.32
CA THR C 209 -25.01 -12.64 -28.20
C THR C 209 -24.11 -11.47 -28.59
N MET C 210 -23.45 -11.54 -29.74
CA MET C 210 -22.56 -10.48 -30.24
C MET C 210 -21.41 -10.24 -29.26
N MET C 211 -20.63 -11.30 -29.03
CA MET C 211 -19.48 -11.24 -28.15
C MET C 211 -18.63 -12.48 -28.40
N LYS C 212 -17.45 -12.49 -27.78
CA LYS C 212 -16.48 -13.55 -27.98
C LYS C 212 -16.88 -14.81 -27.23
N GLU C 213 -16.02 -15.83 -27.30
CA GLU C 213 -16.18 -17.06 -26.55
C GLU C 213 -14.89 -17.88 -26.65
N LYS C 214 -14.25 -18.16 -25.52
CA LYS C 214 -13.02 -18.92 -25.54
C LYS C 214 -13.29 -20.37 -25.97
N VAL C 215 -12.33 -20.95 -26.67
CA VAL C 215 -12.37 -22.36 -27.04
C VAL C 215 -11.48 -23.11 -26.04
N ASN C 216 -12.07 -24.08 -25.33
CA ASN C 216 -11.36 -24.80 -24.28
C ASN C 216 -11.31 -26.29 -24.56
N THR C 217 -11.52 -26.70 -25.81
CA THR C 217 -11.46 -28.10 -26.17
C THR C 217 -10.01 -28.56 -26.28
N HIS C 218 -9.82 -29.83 -26.60
CA HIS C 218 -8.49 -30.38 -26.76
C HIS C 218 -7.87 -29.94 -28.10
N PHE C 219 -6.54 -29.86 -28.10
CA PHE C 219 -5.77 -29.47 -29.28
C PHE C 219 -4.30 -29.78 -28.97
N SER C 220 -3.70 -30.69 -29.72
CA SER C 220 -2.35 -31.14 -29.43
C SER C 220 -1.35 -30.46 -30.36
N PHE C 221 -0.06 -30.72 -30.10
CA PHE C 221 1.03 -30.33 -30.99
C PHE C 221 2.24 -31.15 -30.61
N PRO C 222 3.02 -31.64 -31.59
CA PRO C 222 4.10 -32.57 -31.29
C PRO C 222 5.32 -31.84 -30.75
N LEU C 223 6.24 -32.63 -30.18
CA LEU C 223 7.55 -32.13 -29.82
C LEU C 223 8.44 -31.98 -31.04
N ARG C 224 8.14 -32.70 -32.12
CA ARG C 224 8.91 -32.67 -33.36
C ARG C 224 7.92 -32.47 -34.51
N LEU C 225 8.12 -31.43 -35.31
CA LEU C 225 7.21 -31.06 -36.37
C LEU C 225 7.85 -31.28 -37.73
N ASP C 226 7.01 -31.63 -38.71
CA ASP C 226 7.42 -31.74 -40.11
C ASP C 226 6.40 -30.99 -40.96
N MET C 227 6.83 -29.90 -41.58
CA MET C 227 5.98 -29.09 -42.43
C MET C 227 6.05 -29.51 -43.89
N THR C 228 6.72 -30.62 -44.20
CA THR C 228 6.86 -31.10 -45.57
C THR C 228 5.53 -31.25 -46.30
N PRO C 229 4.47 -31.85 -45.73
CA PRO C 229 3.20 -31.95 -46.45
C PRO C 229 2.54 -30.61 -46.78
N TYR C 230 3.11 -29.48 -46.36
CA TYR C 230 2.46 -28.19 -46.53
C TYR C 230 3.29 -27.20 -47.33
N THR C 231 4.36 -27.65 -47.99
CA THR C 231 5.17 -26.77 -48.82
C THR C 231 4.61 -26.75 -50.25
N GLU C 232 5.22 -25.91 -51.10
CA GLU C 232 4.65 -25.69 -52.43
C GLU C 232 5.07 -26.73 -53.45
N ASP C 233 6.27 -27.32 -53.30
CA ASP C 233 6.67 -28.37 -54.22
C ASP C 233 5.94 -29.67 -53.91
N PHE C 234 5.64 -29.93 -52.63
CA PHE C 234 4.87 -31.11 -52.26
C PHE C 234 3.44 -31.02 -52.75
N LEU C 235 2.85 -29.82 -52.72
CA LEU C 235 1.51 -29.61 -53.25
C LEU C 235 1.56 -29.21 -54.72
N SER C 257 16.23 -27.46 -44.04
CA SER C 257 15.42 -28.61 -43.63
C SER C 257 13.95 -28.24 -43.50
N TYR C 258 13.11 -29.25 -43.27
CA TYR C 258 11.69 -29.05 -43.01
C TYR C 258 11.27 -29.63 -41.66
N GLU C 259 12.24 -29.91 -40.79
CA GLU C 259 11.97 -30.45 -39.46
C GLU C 259 12.10 -29.35 -38.42
N TYR C 260 11.13 -29.25 -37.53
CA TYR C 260 11.12 -28.25 -36.47
C TYR C 260 10.98 -28.91 -35.10
N ASP C 261 11.77 -28.43 -34.15
CA ASP C 261 11.64 -28.82 -32.75
C ASP C 261 10.90 -27.73 -31.98
N LEU C 262 10.21 -28.14 -30.92
CA LEU C 262 9.54 -27.19 -30.03
C LEU C 262 10.55 -26.54 -29.10
N ILE C 263 10.42 -25.23 -28.90
CA ILE C 263 11.32 -24.50 -28.02
C ILE C 263 10.54 -23.67 -27.03
N GLY C 264 9.25 -23.48 -27.26
CA GLY C 264 8.46 -22.60 -26.43
C GLY C 264 6.98 -22.80 -26.63
N VAL C 265 6.22 -22.53 -25.58
CA VAL C 265 4.76 -22.54 -25.59
C VAL C 265 4.28 -21.36 -24.76
N THR C 266 3.35 -20.58 -25.31
CA THR C 266 2.75 -19.45 -24.61
C THR C 266 1.33 -19.83 -24.23
N VAL C 267 1.04 -19.85 -22.93
CA VAL C 267 -0.20 -20.41 -22.40
C VAL C 267 -1.06 -19.27 -21.84
N HIS C 268 -2.32 -19.22 -22.27
CA HIS C 268 -3.32 -18.32 -21.71
C HIS C 268 -4.29 -19.11 -20.84
N THR C 269 -4.44 -18.67 -19.60
CA THR C 269 -5.49 -19.17 -18.71
C THR C 269 -6.46 -18.03 -18.42
N GLY C 270 -7.74 -18.36 -18.40
CA GLY C 270 -8.79 -17.40 -18.18
C GLY C 270 -9.94 -17.67 -19.12
N THR C 271 -10.69 -16.60 -19.44
CA THR C 271 -11.83 -16.73 -20.32
C THR C 271 -11.75 -15.75 -21.48
N ALA C 272 -12.83 -15.65 -22.27
CA ALA C 272 -12.87 -14.73 -23.39
C ALA C 272 -12.87 -13.26 -22.97
N ASP C 273 -12.94 -12.98 -21.67
CA ASP C 273 -13.00 -11.62 -21.16
C ASP C 273 -11.66 -11.13 -20.63
N GLY C 274 -10.69 -12.03 -20.47
CA GLY C 274 -9.40 -11.67 -19.91
C GLY C 274 -8.69 -12.91 -19.43
N GLY C 275 -7.51 -12.70 -18.86
CA GLY C 275 -6.75 -13.82 -18.34
C GLY C 275 -5.31 -13.42 -18.03
N HIS C 276 -4.43 -14.42 -18.05
CA HIS C 276 -3.04 -14.27 -17.62
C HIS C 276 -2.15 -15.12 -18.52
N TYR C 277 -1.03 -14.56 -18.95
CA TYR C 277 -0.09 -15.26 -19.83
C TYR C 277 1.14 -15.69 -19.04
N TYR C 278 1.48 -16.96 -19.14
CA TYR C 278 2.79 -17.46 -18.74
C TYR C 278 3.37 -18.27 -19.89
N SER C 279 4.66 -18.60 -19.80
CA SER C 279 5.35 -19.26 -20.90
C SER C 279 6.19 -20.41 -20.39
N PHE C 280 6.25 -21.48 -21.18
CA PHE C 280 7.23 -22.56 -21.00
C PHE C 280 8.21 -22.49 -22.16
N ILE C 281 9.49 -22.33 -21.85
CA ILE C 281 10.51 -22.13 -22.87
C ILE C 281 11.68 -23.07 -22.61
N ARG C 282 12.20 -23.66 -23.68
CA ARG C 282 13.33 -24.58 -23.62
C ARG C 282 14.65 -23.82 -23.62
N ASP C 283 15.57 -24.24 -22.76
CA ASP C 283 16.91 -23.67 -22.75
C ASP C 283 17.67 -24.12 -23.99
N ILE C 284 17.65 -23.30 -25.03
CA ILE C 284 18.28 -23.67 -26.30
C ILE C 284 19.52 -22.82 -26.54
N VAL C 285 20.16 -22.37 -25.45
CA VAL C 285 21.36 -21.55 -25.56
C VAL C 285 22.52 -22.25 -24.86
N ASN C 286 22.36 -22.58 -23.59
CA ASN C 286 23.42 -23.23 -22.85
C ASN C 286 23.63 -24.65 -23.38
N PRO C 287 24.89 -25.09 -23.55
CA PRO C 287 25.11 -26.40 -24.17
C PRO C 287 24.61 -27.57 -23.33
N HIS C 288 24.91 -27.59 -22.03
CA HIS C 288 24.53 -28.71 -21.18
C HIS C 288 23.03 -28.89 -21.14
N ALA C 289 22.29 -27.80 -20.89
CA ALA C 289 20.85 -27.89 -20.70
C ALA C 289 20.15 -28.31 -21.99
N TYR C 290 20.76 -28.06 -23.15
CA TYR C 290 20.11 -28.39 -24.41
C TYR C 290 20.15 -29.89 -24.69
N LYS C 291 21.13 -30.60 -24.13
CA LYS C 291 21.23 -32.05 -24.27
C LYS C 291 20.48 -32.79 -23.18
N ASN C 292 19.69 -32.09 -22.35
CA ASN C 292 18.87 -32.72 -21.35
C ASN C 292 17.41 -32.28 -21.41
N ASN C 293 17.02 -31.56 -22.46
CA ASN C 293 15.65 -31.06 -22.62
C ASN C 293 15.24 -30.21 -21.41
N LYS C 294 16.11 -29.28 -21.02
CA LYS C 294 15.84 -28.43 -19.88
C LYS C 294 14.84 -27.35 -20.27
N TRP C 295 13.71 -27.33 -19.58
CA TRP C 295 12.63 -26.37 -19.81
C TRP C 295 12.42 -25.55 -18.55
N TYR C 296 11.78 -24.39 -18.71
CA TYR C 296 11.54 -23.50 -17.59
C TYR C 296 10.22 -22.77 -17.77
N LEU C 297 9.58 -22.46 -16.65
CA LEU C 297 8.36 -21.66 -16.61
C LEU C 297 8.73 -20.20 -16.35
N PHE C 298 8.17 -19.30 -17.16
CA PHE C 298 8.43 -17.86 -17.04
C PHE C 298 7.10 -17.19 -16.74
N ASN C 299 6.77 -17.10 -15.46
CA ASN C 299 5.47 -16.60 -15.00
C ASN C 299 5.70 -15.24 -14.33
N ASP C 300 5.72 -14.19 -15.15
CA ASP C 300 5.99 -12.82 -14.71
C ASP C 300 7.35 -12.72 -14.03
N ALA C 301 7.38 -12.50 -12.72
CA ALA C 301 8.61 -12.31 -11.97
C ALA C 301 9.24 -13.61 -11.50
N GLU C 302 8.52 -14.74 -11.58
CA GLU C 302 9.01 -16.02 -11.12
C GLU C 302 9.44 -16.87 -12.30
N VAL C 303 10.61 -17.49 -12.18
CA VAL C 303 11.17 -18.34 -13.23
C VAL C 303 11.59 -19.66 -12.59
N LYS C 304 10.83 -20.72 -12.87
CA LYS C 304 10.99 -22.01 -12.22
C LYS C 304 11.18 -23.12 -13.26
N PRO C 305 12.03 -24.10 -12.98
CA PRO C 305 12.21 -25.22 -13.91
C PRO C 305 10.89 -25.96 -14.14
N PHE C 306 10.82 -26.61 -15.30
CA PHE C 306 9.55 -27.14 -15.81
C PHE C 306 9.79 -28.50 -16.45
N ASP C 307 9.10 -29.52 -15.95
CA ASP C 307 9.14 -30.85 -16.56
C ASP C 307 8.39 -30.80 -17.89
N SER C 308 9.12 -30.96 -18.99
CA SER C 308 8.52 -30.88 -20.32
C SER C 308 7.46 -31.94 -20.53
N ALA C 309 7.47 -33.02 -19.73
CA ALA C 309 6.42 -34.02 -19.82
C ALA C 309 5.05 -33.41 -19.60
N GLN C 310 4.94 -32.53 -18.61
CA GLN C 310 3.67 -31.91 -18.26
C GLN C 310 3.15 -30.94 -19.31
N LEU C 311 3.86 -30.77 -20.43
CA LEU C 311 3.35 -29.91 -21.50
C LEU C 311 1.97 -30.36 -21.97
N ALA C 312 1.73 -31.67 -21.98
CA ALA C 312 0.45 -32.18 -22.47
C ALA C 312 -0.71 -31.73 -21.59
N SER C 313 -0.48 -31.66 -20.27
CA SER C 313 -1.55 -31.27 -19.36
C SER C 313 -1.72 -29.76 -19.33
N GLU C 314 -0.62 -29.03 -19.15
CA GLU C 314 -0.69 -27.57 -19.00
C GLU C 314 -1.08 -26.85 -20.28
N CYS C 315 -0.94 -27.50 -21.45
CA CYS C 315 -1.06 -26.77 -22.71
C CYS C 315 -2.14 -27.31 -23.64
N PHE C 316 -2.36 -28.62 -23.68
CA PHE C 316 -3.26 -29.18 -24.70
C PHE C 316 -4.72 -28.89 -24.41
N GLY C 317 -5.07 -28.42 -23.21
CA GLY C 317 -6.46 -28.16 -22.91
C GLY C 317 -7.25 -29.43 -22.60
N GLY C 318 -8.53 -29.41 -22.96
CA GLY C 318 -9.40 -30.54 -22.73
C GLY C 318 -10.15 -30.45 -21.41
N GLU C 319 -10.84 -31.54 -21.09
CA GLU C 319 -11.58 -31.65 -19.86
C GLU C 319 -10.83 -32.53 -18.86
N MET C 320 -11.27 -32.47 -17.60
CA MET C 320 -10.59 -33.18 -16.53
C MET C 320 -11.55 -33.52 -15.38
N PHE C 337 -15.39 -31.09 -16.72
CA PHE C 337 -15.26 -29.67 -17.02
C PHE C 337 -13.97 -29.38 -17.76
N GLU C 338 -14.01 -28.35 -18.63
CA GLU C 338 -12.88 -27.99 -19.46
C GLU C 338 -11.83 -27.21 -18.68
N LYS C 339 -10.56 -27.39 -19.07
CA LYS C 339 -9.49 -26.59 -18.54
C LYS C 339 -9.44 -25.24 -19.24
N THR C 340 -9.43 -24.16 -18.48
CA THR C 340 -9.36 -22.82 -19.05
C THR C 340 -7.94 -22.34 -19.29
N HIS C 341 -6.94 -23.21 -19.11
CA HIS C 341 -5.56 -22.91 -19.48
C HIS C 341 -5.15 -23.80 -20.63
N SER C 342 -4.65 -23.19 -21.70
CA SER C 342 -4.29 -23.91 -22.92
C SER C 342 -3.50 -22.98 -23.84
N ALA C 343 -2.62 -23.57 -24.65
CA ALA C 343 -1.63 -22.82 -25.40
C ALA C 343 -2.27 -21.87 -26.41
N TYR C 344 -1.69 -20.67 -26.53
CA TYR C 344 -2.17 -19.64 -27.45
C TYR C 344 -1.19 -19.26 -28.54
N MET C 345 0.10 -19.52 -28.36
CA MET C 345 1.07 -19.35 -29.44
C MET C 345 2.20 -20.35 -29.25
N LEU C 346 2.62 -20.96 -30.36
CA LEU C 346 3.68 -21.94 -30.36
C LEU C 346 4.93 -21.38 -31.04
N PHE C 347 6.08 -21.89 -30.63
CA PHE C 347 7.37 -21.43 -31.13
C PHE C 347 8.22 -22.63 -31.50
N TYR C 348 8.49 -22.81 -32.80
CA TYR C 348 9.22 -23.94 -33.32
C TYR C 348 10.52 -23.47 -33.97
N LYS C 349 11.56 -24.30 -33.89
CA LYS C 349 12.86 -23.99 -34.45
C LYS C 349 13.27 -25.03 -35.47
N ARG C 350 13.76 -24.56 -36.62
CA ARG C 350 14.20 -25.45 -37.68
C ARG C 350 15.42 -26.27 -37.24
N MET C 351 15.42 -27.56 -37.60
CA MET C 351 16.56 -28.40 -37.31
C MET C 351 17.74 -28.04 -38.21
N GLU C 352 18.94 -28.32 -37.72
CA GLU C 352 20.18 -28.11 -38.46
C GLU C 352 21.27 -29.05 -38.00
N GLU C 360 26.71 -24.21 -28.33
CA GLU C 360 27.16 -23.06 -27.54
C GLU C 360 26.96 -21.75 -28.31
N TYR C 361 27.02 -20.63 -27.60
CA TYR C 361 26.73 -19.33 -28.19
C TYR C 361 27.57 -18.26 -27.52
N LYS C 362 27.63 -17.10 -28.16
CA LYS C 362 28.38 -15.96 -27.65
C LYS C 362 27.63 -14.68 -28.02
N PHE C 363 27.75 -13.66 -27.18
CA PHE C 363 27.07 -12.39 -27.36
C PHE C 363 28.07 -11.25 -27.23
N ASP C 364 27.57 -10.02 -27.39
CA ASP C 364 28.44 -8.84 -27.30
C ASP C 364 27.58 -7.64 -26.88
N VAL C 365 27.60 -7.35 -25.58
CA VAL C 365 27.04 -6.10 -25.08
C VAL C 365 28.04 -4.98 -25.33
N SER C 366 27.56 -3.82 -25.76
CA SER C 366 28.42 -2.69 -25.96
C SER C 366 29.09 -2.29 -24.64
N SER C 367 30.21 -1.58 -24.76
CA SER C 367 30.98 -1.20 -23.58
C SER C 367 30.13 -0.43 -22.58
N GLU C 368 29.26 0.46 -23.07
CA GLU C 368 28.49 1.31 -22.18
C GLU C 368 27.48 0.52 -21.36
N LEU C 369 26.89 -0.52 -21.94
CA LEU C 369 25.85 -1.27 -21.26
C LEU C 369 26.39 -2.22 -20.20
N LEU C 370 27.67 -2.57 -20.26
CA LEU C 370 28.26 -3.39 -19.20
C LEU C 370 28.48 -2.57 -17.94
N GLU C 371 28.90 -1.32 -18.10
CA GLU C 371 29.17 -0.46 -16.95
C GLU C 371 27.90 -0.07 -16.20
N TRP C 372 26.73 -0.21 -16.83
CA TRP C 372 25.45 0.08 -16.21
C TRP C 372 24.92 -1.11 -15.41
N ILE C 373 24.87 -2.29 -16.02
CA ILE C 373 24.48 -3.49 -15.30
C ILE C 373 25.52 -3.83 -14.23
N TRP C 374 26.76 -3.38 -14.41
CA TRP C 374 27.75 -3.43 -13.34
C TRP C 374 27.25 -2.69 -12.11
N HIS C 375 26.94 -1.40 -12.28
CA HIS C 375 26.56 -0.54 -11.17
C HIS C 375 25.32 -1.05 -10.45
N ASP C 376 24.24 -1.26 -11.19
CA ASP C 376 22.95 -1.69 -10.66
C ASP C 376 23.10 -2.88 -9.71
N ASN C 377 24.01 -3.81 -10.03
CA ASN C 377 24.09 -5.05 -9.28
C ASN C 377 24.79 -4.88 -7.94
N MET C 378 25.99 -4.30 -7.93
CA MET C 378 26.75 -4.20 -6.69
C MET C 378 26.00 -3.36 -5.66
N GLN C 379 25.50 -2.19 -6.07
CA GLN C 379 24.78 -1.33 -5.15
C GLN C 379 23.41 -1.86 -4.77
N PHE C 380 22.96 -2.96 -5.38
CA PHE C 380 21.77 -3.68 -4.91
C PHE C 380 22.18 -4.97 -4.22
N MET D 1 1.71 30.12 55.43
CA MET D 1 1.04 29.94 54.15
C MET D 1 1.01 28.47 53.77
N GLN D 2 0.08 28.10 52.88
CA GLN D 2 -0.06 26.72 52.45
C GLN D 2 0.22 26.61 50.97
N ILE D 3 1.02 25.63 50.59
CA ILE D 3 1.33 25.35 49.20
C ILE D 3 0.62 24.06 48.80
N PHE D 4 0.56 23.81 47.50
CA PHE D 4 0.06 22.56 46.98
C PHE D 4 1.22 21.64 46.60
N VAL D 5 0.96 20.33 46.66
CA VAL D 5 1.95 19.32 46.30
C VAL D 5 1.23 18.25 45.49
N LYS D 6 1.71 18.01 44.26
CA LYS D 6 1.25 16.87 43.48
C LYS D 6 2.23 15.72 43.73
N THR D 7 1.77 14.71 44.47
CA THR D 7 2.64 13.67 44.99
C THR D 7 2.92 12.61 43.91
N LEU D 8 3.55 11.51 44.33
CA LEU D 8 4.05 10.53 43.38
C LEU D 8 2.93 9.84 42.61
N THR D 9 1.73 9.75 43.19
CA THR D 9 0.59 9.16 42.53
C THR D 9 -0.35 10.21 41.93
N GLY D 10 0.08 11.46 41.87
CA GLY D 10 -0.76 12.52 41.37
C GLY D 10 -1.72 13.10 42.38
N LYS D 11 -1.72 12.61 43.61
CA LYS D 11 -2.58 13.15 44.65
C LYS D 11 -2.14 14.57 45.01
N THR D 12 -3.07 15.51 44.95
CA THR D 12 -2.81 16.83 45.50
C THR D 12 -2.90 16.78 47.02
N ILE D 13 -1.86 17.24 47.69
CA ILE D 13 -1.90 17.45 49.13
C ILE D 13 -1.56 18.91 49.42
N THR D 14 -1.76 19.29 50.68
CA THR D 14 -1.45 20.63 51.14
C THR D 14 -0.32 20.58 52.16
N LEU D 15 0.48 21.63 52.19
CA LEU D 15 1.57 21.76 53.14
C LEU D 15 1.55 23.16 53.72
N GLU D 16 1.52 23.26 55.05
CA GLU D 16 1.64 24.53 55.74
C GLU D 16 3.12 24.80 55.97
N VAL D 17 3.67 25.78 55.25
CA VAL D 17 5.08 26.14 55.35
C VAL D 17 5.20 27.65 55.54
N GLU D 18 6.38 28.08 55.93
CA GLU D 18 6.72 29.49 55.92
C GLU D 18 7.84 29.72 54.91
N PRO D 19 7.79 30.82 54.16
CA PRO D 19 8.74 30.98 53.05
C PRO D 19 10.19 30.90 53.46
N SER D 20 10.52 31.18 54.72
CA SER D 20 11.88 31.05 55.21
C SER D 20 12.26 29.62 55.57
N ASP D 21 11.37 28.66 55.32
CA ASP D 21 11.75 27.26 55.42
C ASP D 21 12.69 26.89 54.28
N THR D 22 13.69 26.06 54.58
CA THR D 22 14.60 25.59 53.56
C THR D 22 14.02 24.36 52.86
N ILE D 23 14.64 23.99 51.75
CA ILE D 23 14.13 22.87 50.94
C ILE D 23 14.20 21.57 51.73
N GLU D 24 15.28 21.37 52.48
CA GLU D 24 15.38 20.16 53.30
C GLU D 24 14.28 20.09 54.34
N ASN D 25 13.84 21.24 54.86
CA ASN D 25 12.67 21.27 55.73
C ASN D 25 11.44 20.78 54.99
N VAL D 26 11.24 21.22 53.75
CA VAL D 26 10.07 20.83 52.97
C VAL D 26 10.11 19.33 52.69
N LYS D 27 11.28 18.81 52.35
CA LYS D 27 11.40 17.37 52.16
C LYS D 27 11.16 16.61 53.45
N ALA D 28 11.49 17.21 54.59
CA ALA D 28 11.17 16.60 55.87
C ALA D 28 9.67 16.66 56.13
N LYS D 29 9.04 17.81 55.88
CA LYS D 29 7.60 17.92 56.04
C LYS D 29 6.84 17.07 55.02
N ILE D 30 7.40 16.90 53.81
CA ILE D 30 6.80 15.98 52.85
C ILE D 30 6.89 14.55 53.36
N GLN D 31 8.04 14.18 53.95
CA GLN D 31 8.16 12.87 54.56
C GLN D 31 7.12 12.66 55.65
N ASP D 32 6.81 13.72 56.40
CA ASP D 32 5.83 13.62 57.47
C ASP D 32 4.46 13.19 56.93
N LYS D 33 4.05 13.79 55.81
CA LYS D 33 2.69 13.58 55.31
C LYS D 33 2.60 12.36 54.39
N GLU D 34 3.38 12.34 53.31
CA GLU D 34 3.28 11.29 52.31
C GLU D 34 4.39 10.24 52.45
N GLY D 35 5.22 10.34 53.48
CA GLY D 35 6.04 9.22 53.93
C GLY D 35 7.22 8.84 53.06
N ILE D 36 7.76 9.75 52.27
CA ILE D 36 8.85 9.45 51.34
C ILE D 36 10.13 10.06 51.90
N PRO D 37 11.23 9.31 52.00
CA PRO D 37 12.47 9.83 52.59
C PRO D 37 12.97 11.05 51.83
N PRO D 38 13.53 12.03 52.54
CA PRO D 38 13.80 13.34 51.91
C PRO D 38 14.86 13.28 50.83
N ASP D 39 15.78 12.32 50.89
CA ASP D 39 16.91 12.30 49.96
C ASP D 39 16.55 11.71 48.60
N GLN D 40 15.49 10.91 48.51
CA GLN D 40 15.05 10.37 47.23
C GLN D 40 14.21 11.35 46.43
N GLN D 41 13.83 12.48 47.01
CA GLN D 41 12.83 13.37 46.42
C GLN D 41 13.49 14.44 45.56
N ARG D 42 12.87 14.71 44.41
CA ARG D 42 13.06 15.97 43.71
C ARG D 42 11.77 16.76 43.76
N LEU D 43 11.89 18.08 43.84
CA LEU D 43 10.74 18.97 43.91
C LEU D 43 10.87 20.00 42.79
N ILE D 44 9.89 20.03 41.91
CA ILE D 44 9.92 20.88 40.72
C ILE D 44 8.78 21.89 40.81
N PHE D 45 9.12 23.15 41.03
CA PHE D 45 8.15 24.23 41.02
C PHE D 45 8.30 25.04 39.73
N ALA D 46 7.20 25.17 38.98
CA ALA D 46 7.12 26.05 37.82
C ALA D 46 8.28 25.85 36.86
N GLY D 47 8.79 24.61 36.79
CA GLY D 47 9.85 24.25 35.88
C GLY D 47 11.23 24.19 36.52
N LYS D 48 11.46 24.96 37.58
CA LYS D 48 12.79 25.04 38.19
C LYS D 48 12.86 24.03 39.34
N GLN D 49 13.74 23.04 39.19
CA GLN D 49 14.00 22.09 40.26
C GLN D 49 14.60 22.80 41.46
N LEU D 50 13.97 22.63 42.62
CA LEU D 50 14.46 23.25 43.85
C LEU D 50 15.60 22.41 44.42
N GLU D 51 16.71 23.06 44.74
CA GLU D 51 17.92 22.37 45.17
C GLU D 51 18.15 22.56 46.67
N ASP D 52 18.77 21.54 47.27
CA ASP D 52 19.00 21.55 48.71
C ASP D 52 19.97 22.66 49.10
N GLY D 53 19.60 23.42 50.13
CA GLY D 53 20.45 24.47 50.66
C GLY D 53 19.92 25.87 50.44
N ARG D 54 18.98 26.06 49.52
CA ARG D 54 18.39 27.36 49.28
C ARG D 54 17.04 27.46 49.99
N THR D 55 16.47 28.65 49.94
CA THR D 55 15.27 28.96 50.70
C THR D 55 14.04 28.88 49.81
N LEU D 56 12.95 28.40 50.39
CA LEU D 56 11.64 28.43 49.74
C LEU D 56 11.30 29.83 49.23
N SER D 57 11.86 30.87 49.86
CA SER D 57 11.70 32.23 49.37
C SER D 57 12.57 32.52 48.15
N ASP D 58 13.77 31.91 48.09
CA ASP D 58 14.70 32.17 47.00
C ASP D 58 14.12 31.82 45.64
N TYR D 59 13.10 30.98 45.60
CA TYR D 59 12.42 30.61 44.36
C TYR D 59 11.16 31.43 44.13
N ASN D 60 10.80 32.31 45.06
CA ASN D 60 9.65 33.20 44.94
C ASN D 60 8.35 32.43 44.80
N ILE D 61 8.14 31.47 45.69
CA ILE D 61 6.94 30.64 45.68
C ILE D 61 6.12 30.98 46.92
N GLN D 62 4.81 31.13 46.73
CA GLN D 62 3.94 31.72 47.75
C GLN D 62 2.74 30.79 47.96
N LYS D 63 1.67 31.34 48.52
CA LYS D 63 0.45 30.55 48.72
C LYS D 63 -0.10 30.09 47.38
N GLU D 64 -0.66 28.88 47.37
CA GLU D 64 -1.26 28.24 46.20
C GLU D 64 -0.24 27.91 45.11
N SER D 65 1.05 28.08 45.37
CA SER D 65 2.07 27.57 44.46
C SER D 65 2.17 26.07 44.63
N THR D 66 2.34 25.36 43.52
CA THR D 66 2.32 23.90 43.52
C THR D 66 3.73 23.35 43.36
N LEU D 67 4.12 22.46 44.27
CA LEU D 67 5.36 21.72 44.17
C LEU D 67 5.08 20.34 43.60
N HIS D 68 5.99 19.83 42.78
CA HIS D 68 5.81 18.54 42.11
C HIS D 68 6.82 17.55 42.67
N LEU D 69 6.32 16.44 43.21
CA LEU D 69 7.16 15.40 43.78
C LEU D 69 7.45 14.34 42.74
N VAL D 70 8.73 14.06 42.51
CA VAL D 70 9.16 12.98 41.64
C VAL D 70 10.33 12.27 42.30
N LEU D 71 10.54 11.02 41.88
CA LEU D 71 11.76 10.30 42.22
C LEU D 71 12.72 10.40 41.05
N ARG D 72 13.73 9.53 41.03
CA ARG D 72 14.74 9.54 39.98
C ARG D 72 14.78 8.16 39.36
N LEU D 73 14.26 8.06 38.13
CA LEU D 73 14.50 6.89 37.29
C LEU D 73 15.89 7.08 36.71
N ARG D 74 16.86 7.02 37.63
CA ARG D 74 18.25 7.41 37.38
C ARG D 74 18.89 6.25 36.63
N GLY D 75 19.05 6.42 35.32
CA GLY D 75 19.55 5.33 34.52
C GLY D 75 21.06 5.25 34.53
N MET E 1 -38.86 11.46 0.20
CA MET E 1 -37.95 11.84 1.31
C MET E 1 -36.61 12.24 0.72
N GLN E 2 -35.82 13.02 1.46
CA GLN E 2 -34.51 13.49 0.97
C GLN E 2 -33.39 12.68 1.63
N ILE E 3 -32.50 12.11 0.83
CA ILE E 3 -31.35 11.34 1.39
C ILE E 3 -30.06 12.10 1.13
N PHE E 4 -28.96 11.58 1.66
CA PHE E 4 -27.63 12.14 1.42
C PHE E 4 -26.82 11.19 0.54
N VAL E 5 -25.83 11.75 -0.13
CA VAL E 5 -24.88 10.97 -0.93
C VAL E 5 -23.50 11.56 -0.72
N LYS E 6 -22.55 10.73 -0.32
CA LYS E 6 -21.17 11.17 -0.14
C LYS E 6 -20.41 11.00 -1.45
N THR E 7 -19.99 12.11 -2.03
CA THR E 7 -19.35 12.11 -3.34
C THR E 7 -17.91 11.63 -3.23
N LEU E 8 -17.29 11.41 -4.39
CA LEU E 8 -15.89 10.99 -4.44
C LEU E 8 -14.97 12.02 -3.82
N THR E 9 -15.38 13.30 -3.80
CA THR E 9 -14.68 14.34 -3.05
C THR E 9 -15.29 14.55 -1.67
N GLY E 10 -15.99 13.54 -1.14
CA GLY E 10 -16.40 13.53 0.26
C GLY E 10 -17.30 14.67 0.68
N LYS E 11 -18.00 15.30 -0.26
CA LYS E 11 -19.00 16.31 0.07
C LYS E 11 -20.36 15.66 0.14
N THR E 12 -21.19 16.14 1.07
CA THR E 12 -22.54 15.65 1.23
C THR E 12 -23.48 16.43 0.31
N ILE E 13 -24.29 15.71 -0.46
CA ILE E 13 -25.26 16.31 -1.36
C ILE E 13 -26.61 15.64 -1.15
N THR E 14 -27.67 16.36 -1.52
CA THR E 14 -29.04 15.93 -1.26
C THR E 14 -29.68 15.36 -2.52
N LEU E 15 -30.23 14.17 -2.39
CA LEU E 15 -31.12 13.58 -3.38
C LEU E 15 -32.53 13.54 -2.80
N GLU E 16 -33.52 13.72 -3.66
CA GLU E 16 -34.92 13.60 -3.27
C GLU E 16 -35.52 12.38 -3.95
N VAL E 17 -35.94 11.41 -3.14
CA VAL E 17 -36.33 10.09 -3.62
C VAL E 17 -37.60 9.66 -2.89
N GLU E 18 -38.30 8.71 -3.50
CA GLU E 18 -39.45 8.07 -2.90
C GLU E 18 -39.14 6.61 -2.60
N PRO E 19 -39.78 6.02 -1.59
CA PRO E 19 -39.48 4.61 -1.24
C PRO E 19 -39.64 3.64 -2.39
N SER E 20 -40.48 3.95 -3.38
CA SER E 20 -40.66 3.08 -4.53
C SER E 20 -39.60 3.27 -5.61
N ASP E 21 -38.72 4.25 -5.46
CA ASP E 21 -37.70 4.53 -6.47
C ASP E 21 -36.76 3.34 -6.62
N THR E 22 -36.38 3.04 -7.86
CA THR E 22 -35.44 1.97 -8.12
C THR E 22 -34.01 2.51 -8.06
N ILE E 23 -33.06 1.60 -7.82
CA ILE E 23 -31.66 1.99 -7.70
C ILE E 23 -31.17 2.62 -9.00
N GLU E 24 -31.69 2.17 -10.13
CA GLU E 24 -31.32 2.75 -11.41
C GLU E 24 -31.75 4.22 -11.49
N ASN E 25 -32.92 4.54 -10.95
CA ASN E 25 -33.33 5.94 -10.86
C ASN E 25 -32.38 6.73 -9.99
N VAL E 26 -31.94 6.14 -8.88
CA VAL E 26 -31.01 6.83 -7.98
C VAL E 26 -29.66 7.01 -8.66
N LYS E 27 -29.17 5.97 -9.34
CA LYS E 27 -27.96 6.14 -10.14
C LYS E 27 -28.18 7.16 -11.25
N ALA E 28 -29.40 7.26 -11.77
CA ALA E 28 -29.70 8.30 -12.75
C ALA E 28 -29.72 9.68 -12.10
N LYS E 29 -30.29 9.79 -10.90
CA LYS E 29 -30.35 11.08 -10.22
C LYS E 29 -28.96 11.63 -9.93
N ILE E 30 -28.04 10.76 -9.52
CA ILE E 30 -26.67 11.21 -9.25
C ILE E 30 -26.01 11.72 -10.53
N GLN E 31 -26.26 11.03 -11.65
CA GLN E 31 -25.68 11.45 -12.92
C GLN E 31 -26.06 12.89 -13.25
N ASP E 32 -27.30 13.29 -12.94
CA ASP E 32 -27.74 14.66 -13.23
C ASP E 32 -27.29 15.67 -12.20
N LYS E 33 -26.89 15.20 -11.01
CA LYS E 33 -26.44 16.06 -9.93
C LYS E 33 -24.93 16.05 -9.75
N GLU E 34 -24.22 15.09 -10.34
CA GLU E 34 -22.79 14.95 -10.14
C GLU E 34 -22.00 14.68 -11.41
N GLY E 35 -22.62 14.23 -12.51
CA GLY E 35 -21.94 14.06 -13.78
C GLY E 35 -21.34 12.69 -14.02
N ILE E 36 -21.35 11.80 -13.03
CA ILE E 36 -20.73 10.49 -13.13
C ILE E 36 -21.69 9.53 -13.82
N PRO E 37 -21.23 8.74 -14.79
CA PRO E 37 -22.14 7.83 -15.52
C PRO E 37 -22.71 6.76 -14.60
N PRO E 38 -23.99 6.41 -14.78
CA PRO E 38 -24.63 5.47 -13.85
C PRO E 38 -23.99 4.10 -13.82
N ASP E 39 -23.42 3.61 -14.92
CA ASP E 39 -22.82 2.29 -14.90
C ASP E 39 -21.41 2.28 -14.33
N GLN E 40 -20.88 3.44 -13.96
CA GLN E 40 -19.59 3.52 -13.28
C GLN E 40 -19.75 3.79 -11.78
N GLN E 41 -20.97 3.78 -11.26
CA GLN E 41 -21.23 4.05 -9.86
C GLN E 41 -21.36 2.76 -9.07
N ARG E 42 -20.79 2.74 -7.88
CA ARG E 42 -21.12 1.79 -6.84
C ARG E 42 -21.78 2.55 -5.69
N LEU E 43 -22.98 2.13 -5.31
CA LEU E 43 -23.70 2.77 -4.21
C LEU E 43 -23.61 1.85 -2.98
N ILE E 44 -23.07 2.40 -1.89
CA ILE E 44 -22.96 1.68 -0.63
C ILE E 44 -23.88 2.35 0.38
N PHE E 45 -24.72 1.55 1.03
CA PHE E 45 -25.56 2.03 2.12
C PHE E 45 -25.55 1.01 3.23
N ALA E 46 -25.21 1.44 4.45
CA ALA E 46 -25.18 0.58 5.63
C ALA E 46 -24.29 -0.64 5.40
N GLY E 47 -23.22 -0.46 4.64
CA GLY E 47 -22.29 -1.53 4.35
C GLY E 47 -22.74 -2.51 3.30
N LYS E 48 -24.00 -2.46 2.86
CA LYS E 48 -24.48 -3.28 1.76
C LYS E 48 -24.47 -2.46 0.48
N GLN E 49 -23.81 -2.99 -0.55
CA GLN E 49 -23.73 -2.31 -1.84
C GLN E 49 -25.03 -2.52 -2.60
N LEU E 50 -25.75 -1.43 -2.85
CA LEU E 50 -27.00 -1.52 -3.59
C LEU E 50 -26.74 -2.07 -4.99
N GLU E 51 -27.68 -2.87 -5.49
CA GLU E 51 -27.56 -3.49 -6.80
C GLU E 51 -28.69 -3.04 -7.71
N ASP E 52 -28.44 -3.08 -9.01
CA ASP E 52 -29.45 -2.69 -9.98
C ASP E 52 -30.59 -3.69 -9.99
N GLY E 53 -31.82 -3.18 -10.06
CA GLY E 53 -32.99 -4.04 -10.04
C GLY E 53 -33.58 -4.18 -8.65
N ARG E 54 -33.56 -3.10 -7.88
CA ARG E 54 -34.14 -3.10 -6.55
C ARG E 54 -34.60 -1.69 -6.21
N THR E 55 -35.48 -1.61 -5.22
CA THR E 55 -36.03 -0.33 -4.76
C THR E 55 -35.36 0.09 -3.46
N LEU E 56 -35.41 1.40 -3.20
CA LEU E 56 -34.92 1.94 -1.94
C LEU E 56 -35.69 1.40 -0.74
N SER E 57 -36.87 0.83 -0.99
CA SER E 57 -37.77 0.36 0.07
C SER E 57 -37.11 -0.70 0.96
N ASP E 58 -36.89 -1.90 0.42
CA ASP E 58 -36.32 -2.98 1.22
C ASP E 58 -34.81 -3.09 1.08
N TYR E 59 -34.15 -1.97 0.83
CA TYR E 59 -32.84 -1.73 1.43
C TYR E 59 -32.98 -0.91 2.71
N ASN E 60 -34.22 -0.54 3.05
CA ASN E 60 -34.63 0.05 4.33
C ASN E 60 -34.23 1.51 4.40
N ILE E 61 -34.14 2.17 3.25
CA ILE E 61 -33.64 3.54 3.19
C ILE E 61 -34.79 4.51 3.47
N GLN E 62 -34.64 5.29 4.54
CA GLN E 62 -35.58 6.33 4.95
C GLN E 62 -34.96 7.70 4.71
N LYS E 63 -35.58 8.73 5.29
CA LYS E 63 -34.98 10.06 5.25
C LYS E 63 -33.65 10.06 5.99
N GLU E 64 -32.77 10.98 5.60
CA GLU E 64 -31.46 11.19 6.22
C GLU E 64 -30.57 9.95 6.14
N SER E 65 -30.81 9.06 5.19
CA SER E 65 -29.90 7.94 4.97
C SER E 65 -28.75 8.40 4.08
N THR E 66 -27.53 8.27 4.58
CA THR E 66 -26.35 8.64 3.80
C THR E 66 -25.97 7.49 2.87
N LEU E 67 -25.92 7.77 1.58
CA LEU E 67 -25.48 6.81 0.58
C LEU E 67 -24.03 7.11 0.20
N HIS E 68 -23.25 6.07 -0.05
CA HIS E 68 -21.82 6.21 -0.31
C HIS E 68 -21.53 5.88 -1.77
N LEU E 69 -20.93 6.83 -2.47
CA LEU E 69 -20.61 6.70 -3.88
C LEU E 69 -19.12 6.41 -4.04
N VAL E 70 -18.80 5.31 -4.72
CA VAL E 70 -17.42 4.93 -4.99
C VAL E 70 -17.35 4.40 -6.42
N LEU E 71 -16.12 4.35 -6.95
CA LEU E 71 -15.87 3.76 -8.25
C LEU E 71 -15.16 2.41 -8.08
N ARG E 72 -14.44 1.99 -9.13
CA ARG E 72 -13.95 0.63 -9.22
C ARG E 72 -12.50 0.65 -9.66
N LEU E 73 -11.60 0.23 -8.76
CA LEU E 73 -10.21 -0.01 -9.15
C LEU E 73 -10.08 -1.49 -9.50
N ARG E 74 -10.56 -1.81 -10.70
CA ARG E 74 -10.41 -3.15 -11.22
C ARG E 74 -8.93 -3.53 -11.22
N GLY E 75 -8.64 -4.79 -10.89
CA GLY E 75 -7.27 -5.26 -10.82
C GLY E 75 -7.15 -6.77 -11.08
N MET F 1 -10.98 -2.52 -56.96
CA MET F 1 -10.23 -3.76 -56.79
C MET F 1 -10.86 -4.69 -55.76
N GLN F 2 -10.51 -5.98 -55.85
CA GLN F 2 -11.17 -7.05 -55.12
C GLN F 2 -10.13 -7.79 -54.28
N ILE F 3 -10.39 -7.88 -52.98
CA ILE F 3 -9.40 -8.39 -52.04
C ILE F 3 -9.92 -9.65 -51.37
N PHE F 4 -8.98 -10.53 -51.01
CA PHE F 4 -9.29 -11.76 -50.28
C PHE F 4 -9.14 -11.51 -48.79
N VAL F 5 -10.11 -11.99 -48.01
CA VAL F 5 -10.09 -11.84 -46.56
C VAL F 5 -10.30 -13.22 -45.94
N LYS F 6 -9.29 -13.70 -45.22
CA LYS F 6 -9.42 -14.94 -44.46
C LYS F 6 -10.08 -14.64 -43.12
N THR F 7 -11.24 -15.24 -42.89
CA THR F 7 -12.05 -14.92 -41.72
C THR F 7 -11.55 -15.62 -40.47
N LEU F 8 -12.45 -15.80 -39.50
CA LEU F 8 -12.11 -16.47 -38.25
C LEU F 8 -12.13 -17.99 -38.40
N THR F 9 -12.87 -18.51 -39.36
CA THR F 9 -13.04 -19.95 -39.57
C THR F 9 -12.14 -20.49 -40.67
N GLY F 10 -11.17 -19.71 -41.15
CA GLY F 10 -10.28 -20.16 -42.19
C GLY F 10 -10.83 -20.10 -43.60
N LYS F 11 -12.13 -19.85 -43.77
CA LYS F 11 -12.70 -19.71 -45.10
C LYS F 11 -12.31 -18.36 -45.68
N THR F 12 -11.98 -18.35 -46.98
CA THR F 12 -11.59 -17.14 -47.66
C THR F 12 -12.82 -16.38 -48.15
N ILE F 13 -12.88 -15.09 -47.87
CA ILE F 13 -13.99 -14.28 -48.39
C ILE F 13 -13.47 -13.10 -49.21
N THR F 14 -14.39 -12.24 -49.68
CA THR F 14 -14.08 -11.22 -50.68
C THR F 14 -14.74 -9.89 -50.36
N LEU F 15 -14.07 -8.81 -50.75
CA LEU F 15 -14.53 -7.45 -50.54
C LEU F 15 -14.16 -6.59 -51.74
N GLU F 16 -14.96 -5.55 -51.97
CA GLU F 16 -14.75 -4.59 -53.05
C GLU F 16 -14.39 -3.26 -52.39
N VAL F 17 -13.09 -2.99 -52.29
CA VAL F 17 -12.60 -1.80 -51.62
C VAL F 17 -11.77 -0.97 -52.59
N GLU F 18 -11.92 0.34 -52.51
CA GLU F 18 -11.05 1.25 -53.22
C GLU F 18 -9.80 1.54 -52.41
N PRO F 19 -8.70 1.92 -53.07
CA PRO F 19 -7.44 2.09 -52.34
C PRO F 19 -7.49 3.09 -51.20
N SER F 20 -8.37 4.09 -51.29
CA SER F 20 -8.49 5.11 -50.25
C SER F 20 -9.61 4.81 -49.25
N ASP F 21 -10.15 3.59 -49.27
CA ASP F 21 -11.10 3.17 -48.24
C ASP F 21 -10.37 3.02 -46.91
N THR F 22 -10.81 3.76 -45.89
CA THR F 22 -10.16 3.67 -44.60
C THR F 22 -10.42 2.30 -43.96
N ILE F 23 -9.62 1.98 -42.95
CA ILE F 23 -9.78 0.69 -42.27
C ILE F 23 -11.15 0.62 -41.60
N GLU F 24 -11.64 1.75 -41.09
CA GLU F 24 -12.98 1.80 -40.52
C GLU F 24 -14.05 1.54 -41.58
N ASN F 25 -13.74 1.78 -42.86
CA ASN F 25 -14.64 1.33 -43.92
C ASN F 25 -14.59 -0.18 -44.07
N VAL F 26 -13.38 -0.74 -44.21
CA VAL F 26 -13.22 -2.17 -44.41
C VAL F 26 -13.85 -2.94 -43.26
N LYS F 27 -13.59 -2.51 -42.03
CA LYS F 27 -14.19 -3.17 -40.87
C LYS F 27 -15.70 -3.09 -40.92
N ALA F 28 -16.25 -1.91 -41.20
CA ALA F 28 -17.68 -1.76 -41.37
C ALA F 28 -18.20 -2.45 -42.64
N LYS F 29 -17.30 -2.80 -43.57
CA LYS F 29 -17.66 -3.67 -44.67
C LYS F 29 -17.45 -5.15 -44.36
N ILE F 30 -16.56 -5.46 -43.41
CA ILE F 30 -16.40 -6.83 -42.95
C ILE F 30 -17.51 -7.20 -41.97
N GLN F 31 -17.87 -6.26 -41.09
CA GLN F 31 -19.08 -6.44 -40.28
C GLN F 31 -20.31 -6.57 -41.16
N ASP F 32 -20.34 -5.85 -42.29
CA ASP F 32 -21.50 -5.88 -43.17
C ASP F 32 -21.70 -7.24 -43.79
N LYS F 33 -20.62 -8.02 -43.96
CA LYS F 33 -20.69 -9.32 -44.62
C LYS F 33 -20.65 -10.48 -43.63
N GLU F 34 -19.64 -10.52 -42.75
CA GLU F 34 -19.48 -11.63 -41.83
C GLU F 34 -20.13 -11.40 -40.48
N GLY F 35 -20.43 -10.16 -40.12
CA GLY F 35 -21.14 -9.88 -38.88
C GLY F 35 -20.28 -9.95 -37.63
N ILE F 36 -19.19 -9.18 -37.60
CA ILE F 36 -18.38 -9.02 -36.40
C ILE F 36 -18.20 -7.52 -36.17
N PRO F 37 -18.52 -7.01 -34.99
CA PRO F 37 -18.41 -5.56 -34.75
C PRO F 37 -17.00 -5.06 -34.99
N PRO F 38 -16.86 -3.86 -35.57
CA PRO F 38 -15.53 -3.44 -36.06
C PRO F 38 -14.47 -3.33 -34.97
N ASP F 39 -14.81 -2.70 -33.84
CA ASP F 39 -13.82 -2.45 -32.79
C ASP F 39 -13.30 -3.73 -32.15
N GLN F 40 -13.90 -4.88 -32.45
CA GLN F 40 -13.36 -6.16 -32.00
C GLN F 40 -12.39 -6.79 -32.99
N GLN F 41 -12.40 -6.34 -34.23
CA GLN F 41 -11.66 -7.01 -35.29
C GLN F 41 -10.20 -6.58 -35.32
N ARG F 42 -9.35 -7.50 -35.79
CA ARG F 42 -7.97 -7.20 -36.13
C ARG F 42 -7.72 -7.62 -37.57
N LEU F 43 -7.05 -6.77 -38.33
CA LEU F 43 -6.81 -7.01 -39.75
C LEU F 43 -5.31 -6.99 -39.98
N ILE F 44 -4.74 -8.16 -40.27
CA ILE F 44 -3.30 -8.33 -40.42
C ILE F 44 -3.02 -8.68 -41.87
N PHE F 45 -2.30 -7.79 -42.57
CA PHE F 45 -1.90 -8.00 -43.95
C PHE F 45 -0.39 -8.19 -43.99
N ALA F 46 0.05 -9.33 -44.55
CA ALA F 46 1.46 -9.58 -44.85
C ALA F 46 2.37 -9.23 -43.69
N GLY F 47 1.96 -9.61 -42.48
CA GLY F 47 2.76 -9.45 -41.29
C GLY F 47 2.44 -8.21 -40.46
N LYS F 48 1.94 -7.14 -41.08
CA LYS F 48 1.71 -5.88 -40.39
C LYS F 48 0.21 -5.67 -40.17
N GLN F 49 -0.14 -5.21 -38.98
CA GLN F 49 -1.53 -5.00 -38.60
C GLN F 49 -1.99 -3.59 -38.99
N LEU F 50 -3.20 -3.50 -39.51
CA LEU F 50 -3.78 -2.21 -39.88
C LEU F 50 -4.35 -1.51 -38.64
N GLU F 51 -4.22 -0.19 -38.63
CA GLU F 51 -4.74 0.62 -37.53
C GLU F 51 -5.80 1.58 -38.07
N ASP F 52 -6.74 1.95 -37.19
CA ASP F 52 -7.86 2.79 -37.58
C ASP F 52 -7.36 4.14 -38.09
N GLY F 53 -8.20 4.80 -38.87
CA GLY F 53 -7.90 6.13 -39.37
C GLY F 53 -6.99 6.11 -40.59
N ARG F 54 -6.24 5.04 -40.75
CA ARG F 54 -5.24 5.01 -41.81
C ARG F 54 -5.84 4.48 -43.11
N THR F 55 -5.20 4.85 -44.21
CA THR F 55 -5.67 4.47 -45.53
C THR F 55 -5.30 3.03 -45.84
N LEU F 56 -6.19 2.35 -46.56
CA LEU F 56 -5.87 1.05 -47.12
C LEU F 56 -4.69 1.12 -48.08
N SER F 57 -4.36 2.32 -48.59
CA SER F 57 -3.20 2.53 -49.45
C SER F 57 -1.91 2.73 -48.66
N ASP F 58 -1.98 3.19 -47.40
CA ASP F 58 -0.79 3.36 -46.60
C ASP F 58 -0.09 2.05 -46.30
N TYR F 59 -0.72 0.91 -46.57
CA TYR F 59 -0.17 -0.39 -46.26
C TYR F 59 0.32 -1.14 -47.49
N ASN F 60 0.28 -0.52 -48.67
CA ASN F 60 0.88 -1.07 -49.88
C ASN F 60 0.20 -2.37 -50.29
N ILE F 61 -1.14 -2.37 -50.32
CA ILE F 61 -1.89 -3.57 -50.65
C ILE F 61 -2.66 -3.33 -51.94
N GLN F 62 -3.07 -4.43 -52.56
CA GLN F 62 -3.43 -4.42 -53.97
C GLN F 62 -4.53 -5.44 -54.21
N LYS F 63 -4.72 -5.82 -55.48
CA LYS F 63 -5.63 -6.89 -55.84
C LYS F 63 -5.07 -8.24 -55.41
N GLU F 64 -5.98 -9.14 -55.02
CA GLU F 64 -5.63 -10.49 -54.55
C GLU F 64 -4.68 -10.46 -53.35
N SER F 65 -4.78 -9.42 -52.54
CA SER F 65 -4.06 -9.35 -51.27
C SER F 65 -4.93 -9.94 -50.16
N THR F 66 -4.28 -10.60 -49.21
CA THR F 66 -4.96 -11.31 -48.12
C THR F 66 -4.91 -10.47 -46.86
N LEU F 67 -6.07 -9.97 -46.44
CA LEU F 67 -6.23 -9.41 -45.10
C LEU F 67 -6.74 -10.48 -44.17
N HIS F 68 -6.03 -10.69 -43.07
CA HIS F 68 -6.42 -11.72 -42.10
C HIS F 68 -7.28 -11.11 -41.01
N LEU F 69 -8.26 -11.90 -40.54
CA LEU F 69 -9.17 -11.47 -39.50
C LEU F 69 -8.97 -12.34 -38.27
N VAL F 70 -8.67 -11.70 -37.14
CA VAL F 70 -8.53 -12.38 -35.85
C VAL F 70 -9.08 -11.46 -34.77
N LEU F 71 -9.53 -12.06 -33.68
CA LEU F 71 -9.86 -11.30 -32.49
C LEU F 71 -8.67 -11.33 -31.55
N ARG F 72 -8.89 -10.98 -30.28
CA ARG F 72 -7.83 -10.91 -29.29
C ARG F 72 -8.19 -11.82 -28.13
N LEU F 73 -7.31 -12.77 -27.81
CA LEU F 73 -7.36 -13.43 -26.50
C LEU F 73 -6.71 -12.52 -25.46
N ARG F 74 -7.30 -11.33 -25.36
CA ARG F 74 -6.91 -10.24 -24.47
C ARG F 74 -6.50 -10.77 -23.10
N GLY F 75 -5.25 -11.17 -22.95
CA GLY F 75 -4.79 -11.70 -21.68
C GLY F 75 -4.64 -10.65 -20.60
ZN ZN G . -14.16 31.90 51.26
C2 AYE H . 23.57 5.64 31.89
C3 AYE H . 23.53 6.93 32.10
C1 AYE H . 22.30 4.89 32.26
N1 AYE H . 21.27 5.50 31.46
ZN ZN I . -35.94 24.06 11.72
C2 AYE J . -5.88 -10.25 -10.51
C3 AYE J . -7.19 -10.26 -10.48
C1 AYE J . -5.26 -8.98 -11.11
N1 AYE J . -6.21 -7.86 -11.04
ZN ZN K . -9.25 -15.83 -67.18
C2 AYE L . -1.72 -9.46 -17.86
C3 AYE L . -0.69 -9.98 -18.50
C1 AYE L . -3.02 -10.23 -17.62
N1 AYE L . -3.46 -10.97 -18.80
#